data_2HMJ
#
_entry.id   2HMJ
#
_cell.length_a   139.894
_cell.length_b   139.894
_cell.length_c   208.580
_cell.angle_alpha   90.00
_cell.angle_beta   90.00
_cell.angle_gamma   120.00
#
_symmetry.space_group_name_H-M   'H 3 2'
#
loop_
_entity.id
_entity.type
_entity.pdbx_description
1 polymer 'Naphthalene 1,2-dioxygenase alpha subunit'
2 polymer 'Naphthalene 1,2-dioxygenase beta subunit'
3 non-polymer 'FE (III) ION'
4 non-polymer 'SULFATE ION'
5 non-polymer 'FE2/S2 (INORGANIC) CLUSTER'
6 non-polymer 1,2-ETHANEDIOL
7 water water
#
loop_
_entity_poly.entity_id
_entity_poly.type
_entity_poly.pdbx_seq_one_letter_code
_entity_poly.pdbx_strand_id
1 'polypeptide(L)'
;MNYNNKILVSESGLSQKHLIHGDEELFQHELKTIFARNWLFLTHDSLIPAPGDYVTAKMGIDEVIVSRQNDGSIRAFLNV
CRHRGKTLVSVEAGNAKGFVCSYHGWGFGSNGELQSVPFEKDLYGESLNKKCLGLKEVARVESFHGFIYGCFDQEAPPLM
DYLGDAAWYLEPMFKHSGGLELVGPPGKVVIKANWKAPAENFVGDAYHVGWTHASSLRSGESIFSSLAGNAALPPEGAGL
QMTSKYGSGMGVLWDGYSGVHSADLVPELMAFGGAKQERLNKEIGDVRARIYRSHLNCTVFPNNSMLTCSGVFKVWNPID
ANTTEVWTYAIVEKDMPEDLKRRLADSVQRTVGPAGFWESDDNDNMETASQNGKKYQSRDSDLLSNLGFGEDVYGDAVYP
GVVGKSAIGETSYRGFYRAYQAHVSSSNWAEFEHASSTWHTELTKTTDR
;
A
2 'polypeptide(L)'
;MMINIQEDKLVSAHDAEEILRFFNCHDSALQQEATTLLTQEAHLLDIQAYRAWLEHCVGSEVQYQVISRELRAASERRYK
LNEAMNVYNENFQQLKVRVEHQLDPQNWGNSPKLRFTRFITNVQAAMDVNDKELLHIRSNVILHRARRGNQVDVFYAARE
DKWKRGEGGVRKLVQRFVDYPERILQTHNLMVFL
;
B
#
loop_
_chem_comp.id
_chem_comp.type
_chem_comp.name
_chem_comp.formula
EDO non-polymer 1,2-ETHANEDIOL 'C2 H6 O2'
FE non-polymer 'FE (III) ION' 'Fe 3'
FES non-polymer 'FE2/S2 (INORGANIC) CLUSTER' 'Fe2 S2'
SO4 non-polymer 'SULFATE ION' 'O4 S -2'
#
# COMPACT_ATOMS: atom_id res chain seq x y z
N MET A 1 -8.75 -15.29 -27.89
CA MET A 1 -7.37 -15.82 -27.71
C MET A 1 -7.44 -17.20 -27.07
N ASN A 2 -6.68 -18.16 -27.60
CA ASN A 2 -6.66 -19.52 -27.04
C ASN A 2 -5.53 -19.60 -26.02
N TYR A 3 -5.89 -19.55 -24.74
CA TYR A 3 -4.87 -19.48 -23.67
C TYR A 3 -4.14 -20.78 -23.47
N ASN A 4 -4.64 -21.87 -24.04
CA ASN A 4 -3.90 -23.14 -23.98
C ASN A 4 -2.65 -23.11 -24.85
N ASN A 5 -2.73 -22.39 -25.95
CA ASN A 5 -1.69 -22.38 -26.97
C ASN A 5 -0.90 -21.10 -27.09
N LYS A 6 -1.53 -19.95 -26.80
CA LYS A 6 -0.88 -18.66 -27.02
C LYS A 6 0.34 -18.52 -26.13
N ILE A 7 1.48 -18.24 -26.73
CA ILE A 7 2.72 -18.04 -25.99
C ILE A 7 2.71 -16.58 -25.55
N LEU A 8 2.25 -16.34 -24.32
CA LEU A 8 2.29 -15.00 -23.75
C LEU A 8 3.62 -14.70 -23.07
N VAL A 9 4.28 -15.74 -22.58
CA VAL A 9 5.59 -15.65 -21.95
C VAL A 9 6.45 -16.68 -22.65
N SER A 10 7.62 -16.27 -23.12
CA SER A 10 8.48 -17.17 -23.85
C SER A 10 9.21 -18.12 -22.91
N GLU A 11 9.83 -19.14 -23.49
CA GLU A 11 10.57 -20.12 -22.72
C GLU A 11 11.58 -19.44 -21.78
N SER A 12 11.68 -19.99 -20.57
CA SER A 12 12.58 -19.49 -19.52
C SER A 12 12.17 -18.13 -18.96
N GLY A 13 11.00 -17.66 -19.36
CA GLY A 13 10.47 -16.38 -18.88
C GLY A 13 11.20 -15.20 -19.45
N LEU A 14 11.85 -15.37 -20.60
CA LEU A 14 12.80 -14.37 -21.10
C LEU A 14 12.10 -13.13 -21.65
N SER A 15 10.84 -13.28 -22.04
CA SER A 15 10.08 -12.12 -22.54
C SER A 15 8.60 -12.39 -22.36
N GLN A 16 7.82 -11.32 -22.41
CA GLN A 16 6.37 -11.38 -22.32
C GLN A 16 5.75 -10.48 -23.38
N LYS A 17 4.61 -10.88 -23.93
CA LYS A 17 3.90 -10.02 -24.85
C LYS A 17 3.34 -8.82 -24.10
N HIS A 18 3.55 -7.64 -24.67
CA HIS A 18 3.21 -6.39 -24.02
C HIS A 18 1.69 -6.35 -23.74
N LEU A 19 0.90 -7.03 -24.57
CA LEU A 19 -0.54 -7.06 -24.38
C LEU A 19 -0.96 -7.58 -23.03
N ILE A 20 -0.10 -8.34 -22.35
CA ILE A 20 -0.54 -8.85 -21.05
C ILE A 20 -0.88 -7.74 -20.03
N HIS A 21 -0.30 -6.55 -20.21
CA HIS A 21 -0.63 -5.42 -19.34
C HIS A 21 -1.83 -4.59 -19.79
N GLY A 22 -2.44 -4.94 -20.93
CA GLY A 22 -3.53 -4.14 -21.49
C GLY A 22 -4.78 -4.89 -21.87
N ASP A 23 -4.69 -6.20 -22.06
CA ASP A 23 -5.79 -6.93 -22.72
C ASP A 23 -6.91 -7.26 -21.71
N GLU A 24 -8.11 -6.73 -21.92
CA GLU A 24 -9.19 -6.95 -20.99
C GLU A 24 -9.74 -8.39 -20.99
N GLU A 25 -9.71 -9.06 -22.13
CA GLU A 25 -10.13 -10.47 -22.16
C GLU A 25 -9.17 -11.31 -21.31
N LEU A 26 -7.87 -11.00 -21.37
CA LEU A 26 -6.89 -11.69 -20.51
C LEU A 26 -7.13 -11.37 -19.04
N PHE A 27 -7.41 -10.12 -18.73
CA PHE A 27 -7.74 -9.75 -17.37
C PHE A 27 -8.91 -10.61 -16.87
N GLN A 28 -9.98 -10.73 -17.65
CA GLN A 28 -11.07 -11.57 -17.22
C GLN A 28 -10.64 -13.03 -17.00
N HIS A 29 -9.78 -13.55 -17.89
CA HIS A 29 -9.21 -14.88 -17.74
C HIS A 29 -8.35 -15.05 -16.48
N GLU A 30 -7.59 -14.02 -16.12
CA GLU A 30 -6.81 -14.01 -14.90
C GLU A 30 -7.68 -14.11 -13.65
N LEU A 31 -8.90 -13.56 -13.70
CA LEU A 31 -9.81 -13.65 -12.54
C LEU A 31 -10.02 -15.11 -12.22
N LYS A 32 -10.14 -15.94 -13.27
CA LYS A 32 -10.30 -17.38 -13.10
C LYS A 32 -8.98 -18.10 -12.78
N THR A 33 -7.96 -17.90 -13.59
CA THR A 33 -6.75 -18.74 -13.52
C THR A 33 -5.68 -18.21 -12.60
N ILE A 34 -5.74 -16.94 -12.23
CA ILE A 34 -4.81 -16.37 -11.25
C ILE A 34 -5.49 -16.14 -9.91
N PHE A 35 -6.51 -15.27 -9.89
CA PHE A 35 -7.08 -14.82 -8.61
C PHE A 35 -7.99 -15.82 -7.93
N ALA A 36 -8.70 -16.64 -8.70
CA ALA A 36 -9.61 -17.63 -8.08
C ALA A 36 -8.85 -18.91 -7.67
N ARG A 37 -7.59 -18.99 -8.09
CA ARG A 37 -6.77 -20.20 -7.92
C ARG A 37 -5.68 -20.10 -6.86
N ASN A 38 -5.15 -18.89 -6.68
CA ASN A 38 -3.95 -18.67 -5.87
C ASN A 38 -4.24 -18.04 -4.52
N TRP A 39 -3.22 -18.02 -3.66
CA TRP A 39 -3.34 -17.44 -2.32
C TRP A 39 -3.21 -15.94 -2.41
N LEU A 40 -4.12 -15.26 -1.70
CA LEU A 40 -4.24 -13.81 -1.72
C LEU A 40 -4.25 -13.24 -0.30
N PHE A 41 -3.58 -12.09 -0.12
CA PHE A 41 -3.41 -11.57 1.21
C PHE A 41 -4.74 -10.99 1.71
N LEU A 42 -5.10 -11.28 2.96
CA LEU A 42 -6.32 -10.78 3.57
C LEU A 42 -6.09 -9.74 4.67
N THR A 43 -5.37 -10.14 5.70
CA THR A 43 -5.18 -9.29 6.86
C THR A 43 -4.10 -9.89 7.75
N HIS A 44 -3.90 -9.27 8.91
CA HIS A 44 -2.96 -9.75 9.91
C HIS A 44 -3.72 -9.96 11.23
N ASP A 45 -3.27 -10.94 12.03
CA ASP A 45 -3.79 -11.17 13.38
C ASP A 45 -3.95 -9.86 14.18
N SER A 46 -2.99 -8.97 14.00
CA SER A 46 -2.92 -7.68 14.71
C SER A 46 -4.07 -6.73 14.40
N LEU A 47 -4.73 -6.95 13.25
CA LEU A 47 -5.89 -6.12 12.85
C LEU A 47 -7.25 -6.72 13.27
N ILE A 48 -7.27 -8.03 13.52
CA ILE A 48 -8.47 -8.69 14.03
C ILE A 48 -8.14 -9.63 15.21
N PRO A 49 -7.58 -9.06 16.28
CA PRO A 49 -7.10 -9.93 17.39
C PRO A 49 -8.16 -10.57 18.27
N ALA A 50 -9.32 -9.94 18.42
CA ALA A 50 -10.33 -10.37 19.38
C ALA A 50 -11.50 -11.02 18.67
N PRO A 51 -12.21 -11.94 19.35
CA PRO A 51 -13.41 -12.54 18.82
C PRO A 51 -14.39 -11.49 18.36
N GLY A 52 -14.90 -11.68 17.14
CA GLY A 52 -15.86 -10.73 16.56
C GLY A 52 -15.20 -9.61 15.77
N ASP A 53 -13.91 -9.38 15.93
CA ASP A 53 -13.21 -8.42 15.07
C ASP A 53 -13.28 -8.86 13.61
N TYR A 54 -13.52 -7.91 12.72
CA TYR A 54 -13.53 -8.21 11.30
C TYR A 54 -12.94 -7.07 10.49
N VAL A 55 -12.49 -7.40 9.28
CA VAL A 55 -12.12 -6.43 8.26
C VAL A 55 -12.77 -6.87 6.96
N THR A 56 -12.88 -5.95 6.02
CA THR A 56 -13.18 -6.32 4.64
C THR A 56 -11.88 -6.32 3.86
N ALA A 57 -11.81 -7.15 2.83
CA ALA A 57 -10.61 -7.26 1.99
C ALA A 57 -11.08 -7.58 0.59
N LYS A 58 -10.25 -7.30 -0.40
CA LYS A 58 -10.52 -7.77 -1.75
C LYS A 58 -9.79 -9.08 -1.98
N MET A 59 -10.38 -9.95 -2.78
CA MET A 59 -9.70 -11.11 -3.33
C MET A 59 -9.98 -11.04 -4.82
N GLY A 60 -8.99 -10.65 -5.61
CA GLY A 60 -9.25 -10.26 -6.99
C GLY A 60 -10.23 -9.09 -6.99
N ILE A 61 -11.30 -9.20 -7.78
CA ILE A 61 -12.35 -8.15 -7.80
C ILE A 61 -13.48 -8.43 -6.79
N ASP A 62 -13.42 -9.59 -6.13
CA ASP A 62 -14.42 -9.93 -5.12
C ASP A 62 -14.08 -9.26 -3.79
N GLU A 63 -15.11 -8.95 -2.99
CA GLU A 63 -14.90 -8.43 -1.66
C GLU A 63 -15.29 -9.49 -0.64
N VAL A 64 -14.47 -9.67 0.38
CA VAL A 64 -14.76 -10.62 1.45
C VAL A 64 -14.79 -9.96 2.83
N ILE A 65 -15.51 -10.59 3.74
CA ILE A 65 -15.49 -10.25 5.17
C ILE A 65 -14.59 -11.31 5.81
N VAL A 66 -13.63 -10.85 6.62
CA VAL A 66 -12.66 -11.72 7.29
C VAL A 66 -12.85 -11.54 8.79
N SER A 67 -13.23 -12.61 9.49
CA SER A 67 -13.76 -12.50 10.84
C SER A 67 -13.10 -13.47 11.81
N ARG A 68 -12.69 -12.92 12.95
CA ARG A 68 -12.17 -13.71 14.07
C ARG A 68 -13.33 -14.42 14.76
N GLN A 69 -13.25 -15.75 14.75
CA GLN A 69 -14.27 -16.60 15.37
C GLN A 69 -14.03 -16.71 16.88
N ASN A 70 -15.04 -17.21 17.58
CA ASN A 70 -14.96 -17.37 19.04
C ASN A 70 -13.92 -18.36 19.49
N ASP A 71 -13.63 -19.35 18.65
CA ASP A 71 -12.62 -20.37 18.93
C ASP A 71 -11.20 -19.93 18.53
N GLY A 72 -11.04 -18.68 18.09
CA GLY A 72 -9.74 -18.15 17.75
C GLY A 72 -9.32 -18.32 16.29
N SER A 73 -10.08 -19.08 15.52
CA SER A 73 -9.77 -19.25 14.11
C SER A 73 -10.29 -18.03 13.33
N ILE A 74 -9.96 -18.00 12.05
CA ILE A 74 -10.43 -16.93 11.18
C ILE A 74 -11.16 -17.58 10.01
N ARG A 75 -12.34 -17.08 9.68
CA ARG A 75 -13.06 -17.51 8.50
C ARG A 75 -13.38 -16.30 7.64
N ALA A 76 -13.50 -16.52 6.33
CA ALA A 76 -13.77 -15.42 5.40
C ALA A 76 -14.90 -15.79 4.47
N PHE A 77 -15.70 -14.79 4.12
CA PHE A 77 -16.93 -15.01 3.38
C PHE A 77 -17.14 -13.91 2.36
N LEU A 78 -17.78 -14.23 1.24
CA LEU A 78 -18.15 -13.20 0.28
C LEU A 78 -19.02 -12.16 0.99
N ASN A 79 -18.75 -10.88 0.73
CA ASN A 79 -19.52 -9.77 1.29
C ASN A 79 -20.79 -9.50 0.45
N VAL A 80 -21.63 -10.54 0.34
CA VAL A 80 -22.78 -10.54 -0.56
C VAL A 80 -23.89 -11.31 0.13
N CYS A 81 -25.03 -10.65 0.32
CA CYS A 81 -26.18 -11.29 0.96
C CYS A 81 -26.71 -12.44 0.09
N ARG A 82 -27.10 -13.54 0.74
CA ARG A 82 -27.62 -14.73 0.03
C ARG A 82 -29.06 -14.59 -0.49
N HIS A 83 -29.72 -13.50 -0.12
CA HIS A 83 -31.10 -13.25 -0.56
C HIS A 83 -31.09 -12.60 -1.95
N ARG A 84 -30.99 -11.27 -2.03
CA ARG A 84 -30.99 -10.59 -3.32
C ARG A 84 -29.61 -9.96 -3.64
N GLY A 85 -28.55 -10.36 -2.96
CA GLY A 85 -27.19 -10.05 -3.43
C GLY A 85 -26.65 -8.66 -3.12
N LYS A 86 -27.25 -7.96 -2.15
CA LYS A 86 -26.73 -6.67 -1.68
C LYS A 86 -25.39 -6.87 -0.98
N THR A 87 -24.53 -5.87 -1.05
CA THR A 87 -23.30 -5.90 -0.23
C THR A 87 -23.66 -5.81 1.25
N LEU A 88 -23.14 -6.74 2.03
CA LEU A 88 -23.56 -6.91 3.42
C LEU A 88 -22.96 -5.86 4.35
N VAL A 89 -21.65 -5.68 4.25
CA VAL A 89 -20.87 -4.80 5.10
C VAL A 89 -20.28 -3.64 4.30
N SER A 90 -20.55 -2.41 4.77
CA SER A 90 -20.14 -1.21 4.06
C SER A 90 -18.96 -0.49 4.72
N VAL A 91 -18.42 -1.07 5.80
CA VAL A 91 -17.29 -0.49 6.53
C VAL A 91 -16.04 -1.35 6.29
N GLU A 92 -14.87 -0.83 6.69
CA GLU A 92 -13.59 -1.49 6.47
C GLU A 92 -13.13 -2.40 7.63
N ALA A 93 -13.56 -2.08 8.85
CA ALA A 93 -13.19 -2.84 10.04
C ALA A 93 -14.20 -2.57 11.15
N GLY A 94 -14.28 -3.50 12.07
CA GLY A 94 -15.14 -3.32 13.25
C GLY A 94 -15.13 -4.55 14.13
N ASN A 95 -16.08 -4.57 15.05
CA ASN A 95 -16.33 -5.73 15.91
C ASN A 95 -17.82 -5.99 15.97
N ALA A 96 -18.23 -7.22 15.69
CA ALA A 96 -19.64 -7.60 15.71
C ALA A 96 -19.80 -9.09 15.90
N LYS A 97 -20.95 -9.50 16.42
CA LYS A 97 -21.33 -10.92 16.48
C LYS A 97 -21.96 -11.43 15.18
N GLY A 98 -22.28 -10.50 14.31
CA GLY A 98 -22.97 -10.84 13.10
C GLY A 98 -23.20 -9.62 12.28
N PHE A 99 -23.83 -9.83 11.14
CA PHE A 99 -24.02 -8.84 10.11
C PHE A 99 -25.45 -8.92 9.61
N VAL A 100 -26.17 -7.82 9.72
CA VAL A 100 -27.53 -7.72 9.24
C VAL A 100 -27.57 -6.96 7.91
N CYS A 101 -28.28 -7.51 6.93
CA CYS A 101 -28.43 -6.87 5.62
C CYS A 101 -29.42 -5.75 5.65
N SER A 102 -29.07 -4.60 5.07
CA SER A 102 -29.92 -3.43 5.17
C SER A 102 -31.05 -3.43 4.15
N TYR A 103 -31.14 -4.47 3.32
CA TYR A 103 -32.21 -4.52 2.32
C TYR A 103 -33.47 -5.12 2.96
N HIS A 104 -33.44 -6.41 3.29
CA HIS A 104 -34.58 -7.04 3.95
C HIS A 104 -34.28 -7.53 5.37
N GLY A 105 -33.09 -7.26 5.91
CA GLY A 105 -32.90 -7.52 7.33
C GLY A 105 -32.44 -8.93 7.72
N TRP A 106 -32.05 -9.73 6.72
CA TRP A 106 -31.45 -11.05 7.04
C TRP A 106 -30.21 -10.89 7.92
N GLY A 107 -30.07 -11.75 8.93
CA GLY A 107 -28.98 -11.65 9.88
C GLY A 107 -28.06 -12.85 9.81
N PHE A 108 -26.78 -12.61 9.55
CA PHE A 108 -25.77 -13.65 9.46
C PHE A 108 -24.84 -13.57 10.63
N GLY A 109 -24.41 -14.72 11.09
CA GLY A 109 -23.42 -14.75 12.15
C GLY A 109 -22.03 -14.35 11.66
N SER A 110 -21.15 -14.10 12.63
CA SER A 110 -19.72 -13.96 12.36
C SER A 110 -19.13 -15.22 11.72
N ASN A 111 -19.80 -16.34 11.90
CA ASN A 111 -19.45 -17.60 11.28
C ASN A 111 -20.10 -17.85 9.95
N GLY A 112 -20.71 -16.82 9.38
CA GLY A 112 -21.33 -16.92 8.07
C GLY A 112 -22.71 -17.54 8.03
N GLU A 113 -23.18 -18.11 9.14
CA GLU A 113 -24.46 -18.83 9.10
C GLU A 113 -25.63 -17.87 9.05
N LEU A 114 -26.67 -18.24 8.32
CA LEU A 114 -27.92 -17.46 8.33
C LEU A 114 -28.64 -17.76 9.65
N GLN A 115 -28.66 -16.77 10.53
CA GLN A 115 -29.16 -16.95 11.88
C GLN A 115 -30.59 -16.49 12.05
N SER A 116 -30.97 -15.44 11.33
CA SER A 116 -32.33 -14.95 11.45
C SER A 116 -32.82 -14.32 10.18
N VAL A 117 -34.13 -14.35 10.03
CA VAL A 117 -34.82 -13.76 8.91
C VAL A 117 -36.01 -13.04 9.54
N PRO A 118 -36.22 -11.75 9.21
CA PRO A 118 -37.38 -11.09 9.84
C PRO A 118 -38.70 -11.77 9.51
N PHE A 119 -39.51 -11.96 10.56
CA PHE A 119 -40.83 -12.56 10.42
C PHE A 119 -40.78 -13.95 9.79
N GLU A 120 -39.72 -14.69 10.06
CA GLU A 120 -39.56 -16.00 9.43
C GLU A 120 -40.81 -16.88 9.60
N LYS A 121 -41.33 -16.94 10.82
CA LYS A 121 -42.47 -17.83 11.11
C LYS A 121 -43.68 -17.46 10.27
N ASP A 122 -44.04 -16.18 10.28
CA ASP A 122 -45.21 -15.70 9.57
C ASP A 122 -45.04 -15.78 8.05
N LEU A 123 -43.81 -15.62 7.56
CA LEU A 123 -43.58 -15.46 6.13
C LEU A 123 -43.16 -16.75 5.46
N TYR A 124 -42.11 -17.37 5.98
CA TYR A 124 -41.57 -18.61 5.39
C TYR A 124 -42.13 -19.86 6.05
N GLY A 125 -42.71 -19.71 7.23
CA GLY A 125 -43.08 -20.87 8.02
C GLY A 125 -41.85 -21.69 8.35
N GLU A 126 -41.89 -22.98 8.02
CA GLU A 126 -40.75 -23.89 8.21
C GLU A 126 -40.00 -24.17 6.91
N SER A 127 -40.32 -23.43 5.86
CA SER A 127 -39.88 -23.76 4.49
C SER A 127 -38.48 -23.25 4.11
N LEU A 128 -37.91 -22.33 4.89
CA LEU A 128 -36.61 -21.75 4.55
C LEU A 128 -35.50 -22.60 5.14
N ASN A 129 -34.66 -23.18 4.28
CA ASN A 129 -33.60 -24.04 4.77
C ASN A 129 -32.37 -23.18 5.05
N LYS A 130 -32.37 -22.56 6.23
CA LYS A 130 -31.32 -21.59 6.60
C LYS A 130 -29.93 -22.24 6.60
N LYS A 131 -29.86 -23.53 6.92
CA LYS A 131 -28.60 -24.28 6.90
C LYS A 131 -27.90 -24.24 5.55
N CYS A 132 -28.63 -24.04 4.46
CA CYS A 132 -28.07 -23.97 3.12
C CYS A 132 -27.86 -22.55 2.61
N LEU A 133 -28.11 -21.57 3.46
CA LEU A 133 -28.12 -20.18 3.04
C LEU A 133 -27.07 -19.36 3.78
N GLY A 134 -25.99 -20.01 4.25
CA GLY A 134 -24.90 -19.28 4.89
C GLY A 134 -24.11 -18.53 3.82
N LEU A 135 -23.36 -17.51 4.21
CA LEU A 135 -22.57 -16.76 3.23
C LEU A 135 -21.58 -17.66 2.49
N LYS A 136 -21.29 -17.32 1.25
CA LYS A 136 -20.37 -18.13 0.47
C LYS A 136 -18.98 -18.02 1.06
N GLU A 137 -18.43 -19.16 1.52
CA GLU A 137 -17.21 -19.13 2.31
C GLU A 137 -15.97 -19.33 1.46
N VAL A 138 -14.92 -18.56 1.78
CA VAL A 138 -13.61 -18.76 1.18
C VAL A 138 -13.10 -20.11 1.61
N ALA A 139 -12.82 -20.99 0.65
CA ALA A 139 -12.49 -22.39 0.94
C ALA A 139 -11.28 -22.58 1.87
N ARG A 140 -10.25 -21.76 1.67
CA ARG A 140 -8.97 -21.95 2.37
C ARG A 140 -8.52 -20.65 3.01
N VAL A 141 -8.20 -20.70 4.30
CA VAL A 141 -7.65 -19.55 5.02
C VAL A 141 -6.52 -20.09 5.91
N GLU A 142 -5.31 -19.57 5.72
CA GLU A 142 -4.13 -20.02 6.43
C GLU A 142 -3.25 -18.83 6.82
N SER A 143 -2.40 -19.07 7.82
CA SER A 143 -1.56 -18.03 8.38
C SER A 143 -0.09 -18.33 8.13
N PHE A 144 0.67 -17.29 7.83
CA PHE A 144 2.14 -17.32 7.82
C PHE A 144 2.62 -16.32 8.87
N HIS A 145 2.90 -16.80 10.06
CA HIS A 145 3.34 -15.96 11.19
C HIS A 145 2.49 -14.69 11.42
N GLY A 146 1.19 -14.91 11.38
CA GLY A 146 0.18 -13.88 11.66
C GLY A 146 -0.39 -13.20 10.43
N PHE A 147 0.24 -13.44 9.28
CA PHE A 147 -0.23 -12.88 8.01
C PHE A 147 -1.19 -13.88 7.43
N ILE A 148 -2.41 -13.43 7.19
CA ILE A 148 -3.52 -14.30 6.85
C ILE A 148 -3.80 -14.18 5.35
N TYR A 149 -3.81 -15.33 4.68
CA TYR A 149 -4.06 -15.42 3.26
C TYR A 149 -5.30 -16.30 3.02
N GLY A 150 -5.99 -16.05 1.90
CA GLY A 150 -7.12 -16.85 1.51
C GLY A 150 -7.00 -17.37 0.11
N CYS A 151 -7.73 -18.43 -0.17
CA CYS A 151 -7.75 -19.04 -1.49
C CYS A 151 -9.12 -19.63 -1.74
N PHE A 152 -9.70 -19.26 -2.87
CA PHE A 152 -11.01 -19.79 -3.25
C PHE A 152 -10.93 -21.25 -3.71
N ASP A 153 -9.74 -21.73 -4.08
CA ASP A 153 -9.59 -23.06 -4.65
C ASP A 153 -9.17 -24.09 -3.59
N GLN A 154 -10.08 -25.02 -3.26
CA GLN A 154 -9.80 -26.05 -2.25
C GLN A 154 -8.57 -26.89 -2.60
N GLU A 155 -8.22 -26.94 -3.89
CA GLU A 155 -7.13 -27.80 -4.37
C GLU A 155 -5.73 -27.18 -4.28
N ALA A 156 -5.64 -25.92 -3.82
CA ALA A 156 -4.36 -25.24 -3.72
C ALA A 156 -3.40 -25.97 -2.79
N PRO A 157 -2.08 -25.81 -3.03
CA PRO A 157 -1.14 -26.26 -2.02
C PRO A 157 -1.31 -25.50 -0.71
N PRO A 158 -0.89 -26.09 0.41
CA PRO A 158 -0.84 -25.35 1.65
C PRO A 158 0.01 -24.11 1.46
N LEU A 159 -0.33 -23.05 2.18
CA LEU A 159 0.35 -21.74 2.01
C LEU A 159 1.87 -21.90 2.15
N MET A 160 2.29 -22.66 3.12
CA MET A 160 3.73 -22.85 3.35
C MET A 160 4.40 -23.47 2.12
N ASP A 161 3.78 -24.48 1.52
CA ASP A 161 4.35 -25.10 0.33
C ASP A 161 4.33 -24.14 -0.86
N TYR A 162 3.26 -23.35 -0.91
CA TYR A 162 3.09 -22.34 -1.97
C TYR A 162 4.18 -21.28 -1.96
N LEU A 163 4.62 -20.89 -0.77
CA LEU A 163 5.74 -19.95 -0.64
C LEU A 163 7.07 -20.55 -1.15
N GLY A 164 7.14 -21.88 -1.17
CA GLY A 164 8.29 -22.59 -1.72
C GLY A 164 9.59 -22.11 -1.09
N ASP A 165 10.58 -21.90 -1.94
CA ASP A 165 11.91 -21.47 -1.49
C ASP A 165 11.94 -20.04 -0.96
N ALA A 166 10.90 -19.25 -1.23
CA ALA A 166 10.83 -17.88 -0.68
C ALA A 166 10.69 -17.88 0.85
N ALA A 167 10.03 -18.90 1.40
CA ALA A 167 9.78 -18.93 2.83
C ALA A 167 11.06 -18.86 3.66
N TRP A 168 12.11 -19.56 3.21
CA TRP A 168 13.40 -19.59 3.90
C TRP A 168 13.97 -18.18 4.12
N TYR A 169 13.78 -17.31 3.13
CA TYR A 169 14.28 -15.95 3.19
C TYR A 169 13.45 -15.10 4.12
N LEU A 170 12.14 -15.35 4.17
CA LEU A 170 11.22 -14.51 4.97
C LEU A 170 11.26 -14.85 6.47
N GLU A 171 11.54 -16.11 6.79
CA GLU A 171 11.47 -16.57 8.16
C GLU A 171 12.30 -15.80 9.20
N PRO A 172 13.56 -15.42 8.87
CA PRO A 172 14.30 -14.63 9.88
C PRO A 172 13.53 -13.40 10.39
N MET A 173 12.97 -12.61 9.49
CA MET A 173 12.15 -11.45 9.87
C MET A 173 10.75 -11.86 10.34
N PHE A 174 10.10 -12.80 9.68
CA PHE A 174 8.70 -13.12 10.01
C PHE A 174 8.52 -13.98 11.25
N LYS A 175 9.53 -14.81 11.52
CA LYS A 175 9.47 -15.79 12.61
C LYS A 175 10.52 -15.46 13.67
N HIS A 176 11.78 -15.48 13.30
CA HIS A 176 12.85 -15.45 14.31
C HIS A 176 13.07 -14.09 14.98
N SER A 177 12.51 -13.03 14.41
CA SER A 177 12.60 -11.71 14.99
C SER A 177 11.70 -11.56 16.21
N GLY A 178 10.83 -12.54 16.44
CA GLY A 178 9.83 -12.44 17.47
C GLY A 178 8.48 -12.10 16.86
N GLY A 179 8.45 -11.84 15.57
CA GLY A 179 7.23 -11.59 14.84
C GLY A 179 6.97 -10.14 14.50
N LEU A 180 6.11 -9.98 13.50
CA LEU A 180 5.78 -8.69 12.95
C LEU A 180 4.33 -8.37 13.22
N GLU A 181 4.02 -7.08 13.21
CA GLU A 181 2.66 -6.57 13.31
C GLU A 181 2.41 -5.73 12.08
N LEU A 182 1.18 -5.78 11.60
CA LEU A 182 0.75 -4.93 10.51
C LEU A 182 0.10 -3.72 11.13
N VAL A 183 0.53 -2.54 10.71
CA VAL A 183 -0.01 -1.29 11.22
C VAL A 183 -0.96 -0.76 10.16
N GLY A 184 -2.23 -0.70 10.56
CA GLY A 184 -3.29 -0.13 9.77
C GLY A 184 -3.71 1.24 10.27
N PRO A 185 -4.70 1.86 9.59
CA PRO A 185 -5.30 1.33 8.38
C PRO A 185 -4.38 1.61 7.22
N PRO A 186 -4.60 0.94 6.08
CA PRO A 186 -3.73 1.16 4.94
C PRO A 186 -4.05 2.46 4.21
N GLY A 187 -3.08 3.02 3.51
CA GLY A 187 -3.39 3.99 2.49
C GLY A 187 -4.04 3.26 1.33
N LYS A 188 -4.93 3.95 0.60
CA LYS A 188 -5.61 3.36 -0.57
C LYS A 188 -5.68 4.37 -1.69
N VAL A 189 -5.12 4.01 -2.84
CA VAL A 189 -5.04 4.89 -4.01
C VAL A 189 -5.24 4.05 -5.26
N VAL A 190 -5.93 4.61 -6.25
CA VAL A 190 -6.06 3.95 -7.52
C VAL A 190 -5.01 4.46 -8.50
N ILE A 191 -4.31 3.54 -9.15
CA ILE A 191 -3.36 3.89 -10.21
C ILE A 191 -3.82 3.29 -11.54
N LYS A 192 -3.45 3.95 -12.64
CA LYS A 192 -3.87 3.51 -13.97
C LYS A 192 -2.83 2.58 -14.60
N ALA A 193 -2.55 1.50 -13.86
CA ALA A 193 -1.60 0.50 -14.26
C ALA A 193 -2.23 -0.87 -14.05
N ASN A 194 -1.74 -1.85 -14.81
CA ASN A 194 -2.05 -3.25 -14.60
C ASN A 194 -1.40 -3.72 -13.29
N TRP A 195 -2.07 -4.62 -12.59
CA TRP A 195 -1.59 -5.10 -11.29
C TRP A 195 -0.21 -5.75 -11.42
N LYS A 196 0.11 -6.27 -12.59
CA LYS A 196 1.40 -6.95 -12.80
C LYS A 196 2.59 -5.97 -12.84
N ALA A 197 2.32 -4.71 -13.18
CA ALA A 197 3.40 -3.76 -13.29
C ALA A 197 4.04 -3.53 -11.91
N PRO A 198 3.24 -3.16 -10.89
CA PRO A 198 3.95 -3.06 -9.58
C PRO A 198 4.38 -4.41 -9.02
N ALA A 199 3.63 -5.46 -9.29
CA ALA A 199 4.01 -6.79 -8.79
C ALA A 199 5.40 -7.20 -9.32
N GLU A 200 5.66 -6.96 -10.60
CA GLU A 200 6.93 -7.36 -11.21
C GLU A 200 8.04 -6.45 -10.71
N ASN A 201 7.72 -5.20 -10.47
CA ASN A 201 8.72 -4.24 -10.06
C ASN A 201 9.23 -4.58 -8.67
N PHE A 202 8.31 -4.89 -7.76
CA PHE A 202 8.68 -5.30 -6.39
C PHE A 202 9.32 -6.67 -6.31
N VAL A 203 8.95 -7.57 -7.21
CA VAL A 203 9.47 -8.96 -7.11
C VAL A 203 10.94 -8.99 -7.48
N GLY A 204 11.36 -8.09 -8.37
CA GLY A 204 12.63 -8.30 -9.01
C GLY A 204 13.42 -7.17 -9.61
N ASP A 205 13.01 -5.93 -9.36
CA ASP A 205 13.59 -4.83 -10.08
C ASP A 205 14.45 -3.94 -9.21
N ALA A 206 15.73 -4.30 -9.09
CA ALA A 206 16.70 -3.42 -8.46
C ALA A 206 17.31 -2.48 -9.50
N TYR A 207 17.25 -2.87 -10.76
CA TYR A 207 17.92 -2.10 -11.82
C TYR A 207 17.38 -0.67 -11.93
N HIS A 208 16.08 -0.51 -11.68
CA HIS A 208 15.44 0.82 -11.87
C HIS A 208 15.81 1.82 -10.79
N VAL A 209 16.25 1.34 -9.63
CA VAL A 209 16.27 2.17 -8.43
C VAL A 209 17.08 3.42 -8.58
N GLY A 210 18.29 3.31 -9.10
CA GLY A 210 19.20 4.47 -9.21
C GLY A 210 18.71 5.55 -10.16
N TRP A 211 18.00 5.13 -11.20
CA TRP A 211 17.55 6.06 -12.22
C TRP A 211 16.15 6.56 -11.90
N THR A 212 15.20 5.65 -11.75
CA THR A 212 13.81 6.06 -11.38
C THR A 212 13.78 6.91 -10.12
N HIS A 213 14.48 6.47 -9.08
CA HIS A 213 14.39 7.10 -7.77
C HIS A 213 15.54 8.06 -7.49
N ALA A 214 16.19 8.54 -8.55
CA ALA A 214 17.36 9.45 -8.40
C ALA A 214 17.02 10.60 -7.44
N SER A 215 15.89 11.24 -7.66
CA SER A 215 15.55 12.43 -6.85
C SER A 215 15.23 12.07 -5.39
N SER A 216 14.61 10.90 -5.17
CA SER A 216 14.25 10.46 -3.82
C SER A 216 15.47 9.99 -3.04
N LEU A 217 16.36 9.31 -3.76
CA LEU A 217 17.65 8.90 -3.19
C LEU A 217 18.46 10.14 -2.77
N ARG A 218 18.62 11.09 -3.68
CA ARG A 218 19.38 12.32 -3.39
C ARG A 218 18.74 13.15 -2.28
N SER A 219 17.42 13.30 -2.31
CA SER A 219 16.68 14.18 -1.36
C SER A 219 16.48 13.60 0.03
N GLY A 220 16.23 12.29 0.11
CA GLY A 220 15.90 11.65 1.38
C GLY A 220 17.07 11.27 2.26
N GLU A 221 18.27 11.13 1.70
CA GLU A 221 19.48 10.71 2.47
C GLU A 221 19.41 9.29 3.09
N SER A 222 18.61 8.41 2.49
CA SER A 222 18.50 7.05 2.94
C SER A 222 19.83 6.28 2.81
N ILE A 223 19.85 5.05 3.33
CA ILE A 223 21.08 4.24 3.33
C ILE A 223 21.55 3.84 1.92
N PHE A 224 20.61 3.68 0.99
CA PHE A 224 20.94 3.35 -0.41
C PHE A 224 21.25 4.58 -1.30
N SER A 225 21.49 5.73 -0.68
CA SER A 225 21.56 7.03 -1.38
C SER A 225 22.71 7.23 -2.40
N SER A 226 23.77 6.42 -2.28
CA SER A 226 24.88 6.48 -3.26
C SER A 226 24.46 6.08 -4.67
N LEU A 227 23.27 5.46 -4.80
CA LEU A 227 22.80 5.01 -6.10
C LEU A 227 22.23 6.14 -6.98
N ALA A 228 21.97 7.32 -6.42
CA ALA A 228 21.24 8.36 -7.14
C ALA A 228 21.83 8.64 -8.51
N GLY A 229 20.98 8.59 -9.54
CA GLY A 229 21.38 8.94 -10.89
C GLY A 229 22.35 7.96 -11.50
N ASN A 230 22.38 6.73 -10.98
CA ASN A 230 23.34 5.70 -11.44
C ASN A 230 24.78 6.14 -11.29
N ALA A 231 25.00 6.93 -10.24
CA ALA A 231 26.32 7.46 -9.88
C ALA A 231 27.23 6.32 -9.44
N ALA A 232 26.65 5.28 -8.85
CA ALA A 232 27.43 4.16 -8.36
C ALA A 232 26.62 2.85 -8.41
N LEU A 233 27.23 1.83 -9.03
CA LEU A 233 26.68 0.48 -9.02
C LEU A 233 26.95 -0.13 -7.64
N PRO A 234 25.98 -0.85 -7.06
CA PRO A 234 26.32 -1.59 -5.84
C PRO A 234 27.55 -2.48 -6.03
N PRO A 235 28.36 -2.62 -4.97
CA PRO A 235 29.56 -3.39 -5.14
C PRO A 235 29.30 -4.87 -5.41
N GLU A 236 30.38 -5.59 -5.67
CA GLU A 236 30.35 -7.03 -5.78
C GLU A 236 29.75 -7.63 -4.52
N GLY A 237 28.88 -8.61 -4.71
CA GLY A 237 28.31 -9.34 -3.59
C GLY A 237 27.39 -8.51 -2.72
N ALA A 238 26.81 -7.45 -3.27
CA ALA A 238 25.92 -6.57 -2.50
C ALA A 238 24.55 -7.21 -2.25
N GLY A 239 24.25 -8.27 -2.98
CA GLY A 239 22.96 -8.95 -2.81
C GLY A 239 22.72 -10.09 -3.78
N LEU A 240 21.49 -10.58 -3.80
CA LEU A 240 21.12 -11.66 -4.69
C LEU A 240 19.66 -11.53 -5.04
N GLN A 241 19.23 -12.42 -5.93
CA GLN A 241 17.86 -12.49 -6.41
C GLN A 241 17.44 -13.93 -6.30
N MET A 242 16.18 -14.17 -6.00
CA MET A 242 15.65 -15.52 -6.01
C MET A 242 14.22 -15.60 -6.53
N THR A 243 13.86 -16.81 -6.97
CA THR A 243 12.52 -17.12 -7.37
C THR A 243 12.22 -18.58 -7.04
N SER A 244 10.94 -18.93 -7.21
CA SER A 244 10.40 -20.17 -6.67
C SER A 244 9.36 -20.76 -7.60
N LYS A 245 8.96 -21.99 -7.31
CA LYS A 245 8.12 -22.75 -8.22
C LYS A 245 6.76 -22.08 -8.47
N TYR A 246 6.15 -21.55 -7.41
CA TYR A 246 4.80 -21.00 -7.50
C TYR A 246 4.81 -19.48 -7.73
N GLY A 247 5.97 -18.93 -8.08
CA GLY A 247 6.05 -17.58 -8.67
C GLY A 247 6.57 -16.49 -7.73
N SER A 248 6.53 -16.76 -6.44
CA SER A 248 7.03 -15.79 -5.46
C SER A 248 8.54 -15.65 -5.62
N GLY A 249 9.03 -14.45 -5.37
CA GLY A 249 10.43 -14.16 -5.50
C GLY A 249 10.81 -12.92 -4.77
N MET A 250 12.12 -12.67 -4.69
CA MET A 250 12.59 -11.44 -4.05
C MET A 250 14.03 -11.14 -4.37
N GLY A 251 14.36 -9.88 -4.14
CA GLY A 251 15.74 -9.42 -4.09
C GLY A 251 16.18 -9.31 -2.65
N VAL A 252 17.47 -9.47 -2.43
CA VAL A 252 18.10 -9.38 -1.14
C VAL A 252 19.22 -8.37 -1.27
N LEU A 253 19.19 -7.32 -0.47
CA LEU A 253 20.28 -6.34 -0.42
C LEU A 253 20.91 -6.41 0.95
N TRP A 254 22.09 -7.01 0.99
CA TRP A 254 22.73 -7.32 2.26
C TRP A 254 22.85 -6.08 3.16
N ASP A 255 22.44 -6.25 4.41
CA ASP A 255 22.64 -5.31 5.51
C ASP A 255 21.77 -4.03 5.49
N GLY A 256 20.92 -3.85 4.47
CA GLY A 256 20.17 -2.59 4.28
C GLY A 256 18.95 -2.41 5.18
N TYR A 257 19.17 -2.57 6.48
CA TYR A 257 18.09 -2.59 7.45
C TYR A 257 17.27 -1.30 7.56
N SER A 258 17.85 -0.15 7.24
CA SER A 258 17.09 1.10 7.32
C SER A 258 16.33 1.39 6.02
N GLY A 259 16.64 0.66 4.96
CA GLY A 259 15.86 0.72 3.74
C GLY A 259 15.66 2.12 3.17
N VAL A 260 14.42 2.43 2.82
CA VAL A 260 14.10 3.73 2.22
C VAL A 260 14.06 4.85 3.26
N HIS A 261 14.21 4.52 4.54
CA HIS A 261 14.00 5.52 5.58
C HIS A 261 15.06 6.60 5.57
N SER A 262 14.57 7.83 5.75
CA SER A 262 15.41 9.00 5.59
C SER A 262 16.34 9.04 6.75
N ALA A 263 17.42 9.78 6.60
CA ALA A 263 18.49 9.81 7.58
C ALA A 263 18.02 10.01 9.02
N ASP A 264 16.87 10.66 9.23
CA ASP A 264 16.33 10.80 10.59
C ASP A 264 16.19 9.48 11.39
N LEU A 265 15.93 8.36 10.71
CA LEU A 265 15.70 7.02 11.34
C LEU A 265 16.87 6.03 11.21
N VAL A 266 17.84 6.35 10.35
CA VAL A 266 18.90 5.42 9.99
C VAL A 266 19.71 4.93 11.20
N PRO A 267 20.23 5.86 12.03
CA PRO A 267 21.04 5.38 13.16
C PRO A 267 20.31 4.47 14.14
N GLU A 268 19.07 4.84 14.45
CA GLU A 268 18.25 4.08 15.38
C GLU A 268 17.94 2.69 14.84
N LEU A 269 17.55 2.63 13.57
CA LEU A 269 17.25 1.35 12.95
C LEU A 269 18.49 0.48 12.83
N MET A 270 19.60 1.03 12.34
CA MET A 270 20.82 0.24 12.19
C MET A 270 21.31 -0.32 13.53
N ALA A 271 21.11 0.42 14.62
CA ALA A 271 21.40 -0.07 15.95
C ALA A 271 20.48 -1.23 16.34
N PHE A 272 19.17 -1.05 16.12
CA PHE A 272 18.17 -2.03 16.54
C PHE A 272 18.34 -3.35 15.79
N GLY A 273 18.47 -3.26 14.47
CA GLY A 273 18.67 -4.44 13.63
C GLY A 273 19.96 -5.18 13.95
N GLY A 274 21.04 -4.42 14.12
CA GLY A 274 22.32 -5.01 14.47
C GLY A 274 22.31 -5.73 15.80
N ALA A 275 21.66 -5.14 16.80
CA ALA A 275 21.53 -5.75 18.13
C ALA A 275 20.78 -7.08 18.03
N LYS A 276 19.66 -7.11 17.30
CA LYS A 276 18.90 -8.35 17.18
C LYS A 276 19.69 -9.41 16.40
N GLN A 277 20.36 -9.00 15.32
CA GLN A 277 21.22 -9.91 14.56
C GLN A 277 22.25 -10.60 15.45
N GLU A 278 22.84 -9.86 16.39
CA GLU A 278 23.88 -10.43 17.26
C GLU A 278 23.28 -11.57 18.07
N ARG A 279 22.08 -11.37 18.60
CA ARG A 279 21.34 -12.45 19.28
C ARG A 279 20.94 -13.62 18.36
N LEU A 280 20.53 -13.32 17.13
CA LEU A 280 20.10 -14.35 16.17
C LEU A 280 21.24 -15.20 15.62
N ASN A 281 22.47 -14.69 15.60
CA ASN A 281 23.60 -15.51 15.13
C ASN A 281 23.63 -16.87 15.82
N LYS A 282 23.41 -16.83 17.14
CA LYS A 282 23.47 -18.01 18.00
C LYS A 282 22.31 -18.98 17.75
N GLU A 283 21.18 -18.45 17.30
CA GLU A 283 19.94 -19.18 17.20
C GLU A 283 19.75 -19.78 15.82
N ILE A 284 20.00 -18.97 14.77
CA ILE A 284 19.75 -19.42 13.40
C ILE A 284 20.96 -19.40 12.48
N GLY A 285 22.12 -19.01 13.00
CA GLY A 285 23.33 -19.00 12.20
C GLY A 285 23.58 -17.65 11.59
N ASP A 286 24.85 -17.39 11.25
CA ASP A 286 25.24 -16.07 10.81
C ASP A 286 24.53 -15.65 9.52
N VAL A 287 24.45 -16.56 8.54
CA VAL A 287 23.84 -16.18 7.25
C VAL A 287 22.38 -15.75 7.43
N ARG A 288 21.61 -16.57 8.12
CA ARG A 288 20.19 -16.26 8.28
C ARG A 288 19.97 -15.06 9.18
N ALA A 289 20.83 -14.86 10.19
CA ALA A 289 20.71 -13.65 11.04
C ALA A 289 21.02 -12.41 10.22
N ARG A 290 21.91 -12.54 9.25
CA ARG A 290 22.23 -11.44 8.34
C ARG A 290 21.04 -11.18 7.40
N ILE A 291 20.41 -12.24 6.89
CA ILE A 291 19.23 -12.09 6.07
C ILE A 291 18.13 -11.32 6.83
N TYR A 292 17.95 -11.63 8.12
CA TYR A 292 16.99 -10.91 8.95
C TYR A 292 17.13 -9.39 8.77
N ARG A 293 18.36 -8.90 8.80
CA ARG A 293 18.57 -7.43 8.75
C ARG A 293 19.03 -6.97 7.38
N SER A 294 18.65 -7.74 6.35
CA SER A 294 18.90 -7.39 4.99
C SER A 294 17.57 -7.04 4.32
N HIS A 295 17.63 -6.10 3.39
CA HIS A 295 16.40 -5.56 2.77
C HIS A 295 15.92 -6.54 1.72
N LEU A 296 14.68 -7.02 1.88
CA LEU A 296 14.09 -7.95 0.92
C LEU A 296 12.96 -7.23 0.19
N ASN A 297 13.05 -7.18 -1.13
CA ASN A 297 11.94 -6.70 -1.97
C ASN A 297 11.31 -7.94 -2.56
N CYS A 298 10.10 -8.25 -2.12
CA CYS A 298 9.45 -9.54 -2.40
C CYS A 298 8.05 -9.33 -2.93
N THR A 299 7.67 -10.22 -3.85
CA THR A 299 6.27 -10.40 -4.21
C THR A 299 5.89 -11.85 -3.90
N VAL A 300 4.86 -11.98 -3.06
CA VAL A 300 4.16 -13.22 -2.84
C VAL A 300 3.09 -13.31 -3.95
N PHE A 301 3.37 -14.18 -4.89
CA PHE A 301 2.53 -14.35 -6.06
C PHE A 301 1.07 -14.50 -5.64
N PRO A 302 0.16 -13.85 -6.37
CA PRO A 302 0.36 -12.97 -7.52
C PRO A 302 0.61 -11.48 -7.20
N ASN A 303 -0.07 -10.95 -6.18
CA ASN A 303 -0.26 -9.49 -6.06
C ASN A 303 -0.07 -8.90 -4.68
N ASN A 304 0.76 -9.53 -3.85
CA ASN A 304 1.09 -9.00 -2.52
C ASN A 304 2.59 -8.77 -2.53
N SER A 305 3.03 -7.56 -2.25
CA SER A 305 4.46 -7.24 -2.22
C SER A 305 4.84 -6.62 -0.88
N MET A 306 6.15 -6.62 -0.62
CA MET A 306 6.65 -6.07 0.63
C MET A 306 8.10 -5.68 0.49
N LEU A 307 8.53 -4.77 1.35
CA LEU A 307 9.95 -4.47 1.52
C LEU A 307 10.23 -4.70 2.99
N THR A 308 10.95 -5.77 3.34
CA THR A 308 11.28 -5.95 4.75
C THR A 308 12.29 -4.87 5.09
N CYS A 309 12.37 -4.57 6.38
CA CYS A 309 13.29 -3.55 6.93
C CYS A 309 12.80 -2.13 6.63
N SER A 310 12.54 -1.79 5.37
CA SER A 310 11.73 -0.58 5.08
C SER A 310 10.34 -0.71 5.76
N GLY A 311 9.82 -1.93 5.85
CA GLY A 311 8.57 -2.16 6.56
C GLY A 311 7.32 -1.82 5.74
N VAL A 312 7.41 -2.04 4.43
CA VAL A 312 6.34 -1.75 3.48
C VAL A 312 5.59 -3.03 3.15
N PHE A 313 4.26 -2.95 3.14
CA PHE A 313 3.42 -4.10 2.78
C PHE A 313 2.33 -3.59 1.85
N LYS A 314 2.24 -4.19 0.66
CA LYS A 314 1.40 -3.71 -0.42
C LYS A 314 0.45 -4.79 -0.94
N VAL A 315 -0.75 -4.40 -1.29
CA VAL A 315 -1.61 -5.28 -2.06
C VAL A 315 -1.96 -4.52 -3.35
N TRP A 316 -1.74 -5.18 -4.49
CA TRP A 316 -2.10 -4.60 -5.78
C TRP A 316 -3.44 -5.17 -6.23
N ASN A 317 -4.51 -4.52 -5.81
CA ASN A 317 -5.84 -5.06 -6.06
C ASN A 317 -6.33 -4.77 -7.48
N PRO A 318 -6.64 -5.83 -8.24
CA PRO A 318 -6.99 -5.59 -9.64
C PRO A 318 -8.38 -5.02 -9.81
N ILE A 319 -8.51 -4.05 -10.71
CA ILE A 319 -9.82 -3.50 -11.07
C ILE A 319 -10.18 -3.80 -12.52
N ASP A 320 -9.27 -3.42 -13.42
CA ASP A 320 -9.31 -3.82 -14.82
C ASP A 320 -7.89 -3.81 -15.37
N ALA A 321 -7.72 -4.07 -16.67
CA ALA A 321 -6.36 -4.23 -17.21
C ALA A 321 -5.45 -3.02 -17.02
N ASN A 322 -6.03 -1.82 -16.93
CA ASN A 322 -5.25 -0.63 -16.68
C ASN A 322 -5.70 0.13 -15.42
N THR A 323 -6.25 -0.57 -14.43
CA THR A 323 -6.64 0.06 -13.16
C THR A 323 -6.33 -0.88 -12.01
N THR A 324 -5.67 -0.36 -10.99
CA THR A 324 -5.31 -1.12 -9.79
C THR A 324 -5.48 -0.26 -8.54
N GLU A 325 -6.06 -0.83 -7.50
CA GLU A 325 -6.22 -0.17 -6.23
C GLU A 325 -5.11 -0.64 -5.29
N VAL A 326 -4.27 0.30 -4.91
CA VAL A 326 -3.05 0.03 -4.15
C VAL A 326 -3.33 0.25 -2.68
N TRP A 327 -3.15 -0.82 -1.88
CA TRP A 327 -3.27 -0.75 -0.41
C TRP A 327 -1.88 -0.80 0.21
N THR A 328 -1.58 0.15 1.09
CA THR A 328 -0.25 0.28 1.68
C THR A 328 -0.32 0.27 3.18
N TYR A 329 0.24 -0.81 3.77
CA TYR A 329 0.44 -0.92 5.20
C TYR A 329 1.91 -0.78 5.59
N ALA A 330 2.13 -0.56 6.88
CA ALA A 330 3.45 -0.64 7.45
C ALA A 330 3.55 -1.94 8.22
N ILE A 331 4.72 -2.56 8.18
CA ILE A 331 5.01 -3.73 9.02
C ILE A 331 6.11 -3.33 9.99
N VAL A 332 5.93 -3.71 11.25
CA VAL A 332 6.93 -3.40 12.29
C VAL A 332 7.20 -4.64 13.12
N GLU A 333 8.40 -4.70 13.69
CA GLU A 333 8.76 -5.78 14.62
C GLU A 333 8.09 -5.56 15.96
N LYS A 334 7.39 -6.59 16.46
CA LYS A 334 6.60 -6.45 17.68
C LYS A 334 7.38 -5.91 18.87
N ASP A 335 8.65 -6.30 18.97
CA ASP A 335 9.46 -5.91 20.13
C ASP A 335 10.19 -4.57 19.97
N MET A 336 9.91 -3.84 18.90
CA MET A 336 10.43 -2.48 18.81
C MET A 336 9.72 -1.62 19.85
N PRO A 337 10.41 -0.57 20.37
CA PRO A 337 9.72 0.40 21.21
C PRO A 337 8.55 1.05 20.47
N GLU A 338 7.48 1.32 21.19
CA GLU A 338 6.27 1.85 20.56
C GLU A 338 6.53 3.14 19.80
N ASP A 339 7.39 4.01 20.33
CA ASP A 339 7.65 5.29 19.66
C ASP A 339 8.36 5.11 18.31
N LEU A 340 9.28 4.15 18.26
CA LEU A 340 9.92 3.80 17.00
C LEU A 340 8.91 3.20 16.02
N LYS A 341 8.02 2.33 16.51
CA LYS A 341 6.99 1.74 15.66
C LYS A 341 6.16 2.86 15.00
N ARG A 342 5.78 3.84 15.80
CA ARG A 342 4.97 4.95 15.31
C ARG A 342 5.73 5.71 14.23
N ARG A 343 6.99 6.02 14.50
CA ARG A 343 7.76 6.80 13.54
C ARG A 343 8.05 6.01 12.26
N LEU A 344 8.28 4.70 12.41
CA LEU A 344 8.49 3.82 11.26
C LEU A 344 7.24 3.79 10.36
N ALA A 345 6.07 3.63 10.98
CA ALA A 345 4.81 3.59 10.25
C ALA A 345 4.62 4.89 9.47
N ASP A 346 4.86 6.02 10.12
CA ASP A 346 4.71 7.30 9.41
C ASP A 346 5.71 7.39 8.27
N SER A 347 6.93 6.90 8.46
CA SER A 347 7.96 6.95 7.44
C SER A 347 7.64 6.05 6.24
N VAL A 348 7.07 4.89 6.46
CA VAL A 348 6.56 4.06 5.38
C VAL A 348 5.57 4.87 4.50
N GLN A 349 4.61 5.52 5.12
CA GLN A 349 3.60 6.23 4.34
C GLN A 349 4.23 7.46 3.67
N ARG A 350 5.18 8.07 4.35
CA ARG A 350 5.93 9.23 3.83
C ARG A 350 6.66 8.91 2.53
N THR A 351 7.18 7.70 2.46
CA THR A 351 8.00 7.28 1.35
C THR A 351 7.23 6.58 0.24
N VAL A 352 6.33 5.67 0.62
CA VAL A 352 5.63 4.83 -0.37
C VAL A 352 4.12 4.82 -0.24
N GLY A 353 3.57 5.62 0.67
CA GLY A 353 2.13 5.73 0.82
C GLY A 353 1.44 6.60 -0.23
N PRO A 354 0.20 7.02 0.04
CA PRO A 354 -0.53 7.85 -0.94
C PRO A 354 0.18 9.13 -1.37
N ALA A 355 0.95 9.77 -0.48
CA ALA A 355 1.82 10.90 -0.86
C ALA A 355 3.26 10.47 -0.71
N GLY A 356 3.53 9.19 -0.95
CA GLY A 356 4.89 8.68 -0.85
C GLY A 356 5.76 9.22 -1.96
N PHE A 357 6.79 9.99 -1.61
CA PHE A 357 7.60 10.64 -2.65
C PHE A 357 8.43 9.63 -3.47
N TRP A 358 8.83 8.52 -2.85
CA TRP A 358 9.48 7.45 -3.61
C TRP A 358 8.52 6.80 -4.56
N GLU A 359 7.37 6.35 -4.07
CA GLU A 359 6.41 5.66 -4.93
C GLU A 359 5.92 6.55 -6.08
N SER A 360 5.87 7.86 -5.86
CA SER A 360 5.48 8.79 -6.92
C SER A 360 6.42 8.66 -8.13
N ASP A 361 7.71 8.39 -7.87
CA ASP A 361 8.69 8.24 -8.96
C ASP A 361 8.32 7.10 -9.90
N ASP A 362 7.62 6.09 -9.38
CA ASP A 362 7.29 4.87 -10.14
C ASP A 362 6.01 5.01 -10.97
N ASN A 363 5.18 6.01 -10.68
CA ASN A 363 3.83 6.11 -11.26
C ASN A 363 3.83 6.07 -12.78
N ASP A 364 4.57 6.98 -13.40
CA ASP A 364 4.56 7.07 -14.85
C ASP A 364 5.13 5.79 -15.48
N ASN A 365 6.15 5.23 -14.85
CA ASN A 365 6.73 3.95 -15.32
C ASN A 365 5.65 2.89 -15.45
N MET A 366 4.90 2.71 -14.39
CA MET A 366 3.94 1.63 -14.39
CA MET A 366 3.90 1.64 -14.30
C MET A 366 2.69 1.94 -15.18
N GLU A 367 2.23 3.18 -15.14
CA GLU A 367 1.04 3.55 -15.88
C GLU A 367 1.27 3.51 -17.38
N THR A 368 2.37 4.10 -17.87
CA THR A 368 2.55 4.14 -19.32
C THR A 368 2.92 2.77 -19.85
N ALA A 369 3.70 2.00 -19.08
CA ALA A 369 4.05 0.65 -19.54
C ALA A 369 2.77 -0.18 -19.68
N SER A 370 1.84 -0.01 -18.74
CA SER A 370 0.59 -0.75 -18.82
C SER A 370 -0.25 -0.26 -19.98
N GLN A 371 -0.39 1.06 -20.11
CA GLN A 371 -1.30 1.60 -21.11
C GLN A 371 -0.78 1.34 -22.53
N ASN A 372 0.53 1.28 -22.69
CA ASN A 372 1.11 0.96 -23.98
C ASN A 372 0.75 -0.45 -24.45
N GLY A 373 0.42 -1.34 -23.50
CA GLY A 373 -0.01 -2.70 -23.84
C GLY A 373 -1.34 -2.76 -24.59
N LYS A 374 -2.09 -1.65 -24.60
CA LYS A 374 -3.31 -1.54 -25.38
C LYS A 374 -3.07 -1.03 -26.79
N LYS A 375 -1.94 -0.36 -27.01
CA LYS A 375 -1.70 0.26 -28.30
C LYS A 375 -1.38 -0.75 -29.37
N TYR A 376 -1.99 -0.55 -30.53
CA TYR A 376 -2.00 -1.55 -31.61
C TYR A 376 -0.60 -2.09 -31.98
N GLN A 377 0.35 -1.19 -32.19
CA GLN A 377 1.69 -1.61 -32.64
C GLN A 377 2.54 -2.21 -31.51
N SER A 378 2.04 -2.13 -30.29
CA SER A 378 2.76 -2.69 -29.14
C SER A 378 2.22 -4.00 -28.57
N ARG A 379 0.98 -4.34 -28.88
CA ARG A 379 0.34 -5.52 -28.29
C ARG A 379 1.17 -6.78 -28.46
N ASP A 380 1.69 -6.99 -29.66
CA ASP A 380 2.49 -8.19 -29.99
C ASP A 380 3.98 -7.98 -29.82
N SER A 381 4.38 -6.87 -29.20
CA SER A 381 5.79 -6.64 -28.92
C SER A 381 6.24 -7.39 -27.67
N ASP A 382 7.55 -7.58 -27.54
CA ASP A 382 8.12 -8.36 -26.44
C ASP A 382 8.78 -7.49 -25.38
N LEU A 383 8.24 -7.56 -24.17
CA LEU A 383 8.86 -6.99 -22.97
C LEU A 383 10.02 -7.93 -22.59
N LEU A 384 11.19 -7.35 -22.34
CA LEU A 384 12.39 -8.18 -22.11
C LEU A 384 12.71 -8.38 -20.64
N SER A 385 13.04 -9.62 -20.28
CA SER A 385 13.50 -9.92 -18.92
C SER A 385 14.65 -10.93 -18.92
N ASN A 386 15.68 -10.61 -19.70
CA ASN A 386 16.80 -11.53 -19.93
C ASN A 386 18.06 -11.20 -19.12
N LEU A 387 18.03 -10.14 -18.32
CA LEU A 387 19.22 -9.75 -17.56
C LEU A 387 19.60 -10.86 -16.58
N GLY A 388 20.82 -11.37 -16.71
CA GLY A 388 21.33 -12.43 -15.83
C GLY A 388 21.01 -13.85 -16.27
N PHE A 389 20.30 -13.99 -17.38
CA PHE A 389 19.94 -15.31 -17.83
C PHE A 389 21.19 -16.07 -18.22
N GLY A 390 21.23 -17.33 -17.81
CA GLY A 390 22.40 -18.19 -18.05
C GLY A 390 23.36 -18.19 -16.88
N GLU A 391 23.10 -17.40 -15.86
CA GLU A 391 23.94 -17.35 -14.67
C GLU A 391 23.19 -17.74 -13.40
N ASP A 392 21.90 -18.10 -13.51
CA ASP A 392 21.14 -18.52 -12.34
C ASP A 392 21.47 -19.95 -11.97
N VAL A 393 21.35 -20.25 -10.69
CA VAL A 393 21.57 -21.60 -10.16
C VAL A 393 20.36 -22.09 -9.41
N TYR A 394 20.30 -23.41 -9.19
CA TYR A 394 19.28 -24.02 -8.36
C TYR A 394 19.98 -25.01 -7.40
N GLY A 395 19.46 -25.17 -6.20
CA GLY A 395 20.00 -26.19 -5.26
C GLY A 395 21.29 -25.76 -4.59
N ASP A 396 21.55 -24.47 -4.52
CA ASP A 396 22.78 -23.95 -3.90
C ASP A 396 22.85 -24.42 -2.44
N ALA A 397 24.07 -24.65 -1.96
CA ALA A 397 24.27 -25.16 -0.61
C ALA A 397 23.87 -24.18 0.48
N VAL A 398 23.82 -22.89 0.16
CA VAL A 398 23.54 -21.87 1.16
C VAL A 398 22.20 -21.17 0.91
N TYR A 399 21.89 -20.86 -0.34
CA TYR A 399 20.71 -20.01 -0.69
C TYR A 399 19.78 -20.82 -1.57
N PRO A 400 18.57 -21.12 -1.08
CA PRO A 400 17.66 -21.94 -1.88
C PRO A 400 16.83 -21.24 -2.93
N GLY A 401 16.32 -22.02 -3.87
CA GLY A 401 15.47 -21.53 -4.96
C GLY A 401 16.28 -21.41 -6.24
N VAL A 402 15.72 -20.77 -7.25
CA VAL A 402 16.51 -20.38 -8.41
C VAL A 402 17.08 -19.03 -8.01
N VAL A 403 18.41 -18.95 -8.00
CA VAL A 403 19.14 -17.83 -7.43
C VAL A 403 20.09 -17.23 -8.44
N GLY A 404 20.03 -15.90 -8.57
CA GLY A 404 21.07 -15.13 -9.23
C GLY A 404 21.91 -14.49 -8.14
N LYS A 405 23.20 -14.82 -8.09
CA LYS A 405 24.09 -14.29 -7.09
C LYS A 405 24.64 -12.92 -7.47
N SER A 406 23.73 -11.97 -7.68
CA SER A 406 24.05 -10.58 -7.96
C SER A 406 22.86 -9.77 -7.50
N ALA A 407 23.13 -8.55 -7.03
CA ALA A 407 22.09 -7.68 -6.51
C ALA A 407 21.08 -7.26 -7.58
N ILE A 408 21.54 -7.08 -8.82
CA ILE A 408 20.71 -6.53 -9.88
C ILE A 408 20.57 -7.52 -11.03
N GLY A 409 19.33 -7.90 -11.34
CA GLY A 409 19.06 -8.75 -12.48
C GLY A 409 17.57 -8.97 -12.66
N GLU A 410 17.23 -9.90 -13.52
CA GLU A 410 15.83 -10.20 -13.82
C GLU A 410 15.42 -11.65 -13.53
N THR A 411 16.20 -12.33 -12.70
CA THR A 411 15.87 -13.67 -12.24
C THR A 411 14.42 -13.80 -11.72
N SER A 412 14.01 -12.85 -10.90
CA SER A 412 12.72 -12.95 -10.24
C SER A 412 11.56 -12.64 -11.19
N TYR A 413 11.79 -11.80 -12.19
CA TYR A 413 10.83 -11.62 -13.29
C TYR A 413 10.58 -12.93 -14.00
N ARG A 414 11.66 -13.63 -14.30
CA ARG A 414 11.53 -14.86 -15.07
C ARG A 414 10.71 -15.91 -14.34
N GLY A 415 10.96 -16.08 -13.05
CA GLY A 415 10.20 -17.02 -12.24
C GLY A 415 8.74 -16.62 -12.07
N PHE A 416 8.52 -15.32 -11.89
CA PHE A 416 7.16 -14.79 -11.78
C PHE A 416 6.35 -15.11 -13.00
N TYR A 417 6.93 -14.78 -14.15
CA TYR A 417 6.23 -14.96 -15.44
C TYR A 417 6.14 -16.43 -15.87
N ARG A 418 7.13 -17.25 -15.50
CA ARG A 418 7.01 -18.69 -15.74
C ARG A 418 5.78 -19.23 -15.02
N ALA A 419 5.60 -18.88 -13.75
CA ALA A 419 4.43 -19.33 -12.98
C ALA A 419 3.12 -18.76 -13.58
N TYR A 420 3.13 -17.48 -13.91
CA TYR A 420 1.97 -16.84 -14.52
C TYR A 420 1.52 -17.59 -15.77
N GLN A 421 2.47 -17.84 -16.69
CA GLN A 421 2.15 -18.55 -17.93
C GLN A 421 1.64 -19.96 -17.67
N ALA A 422 2.24 -20.66 -16.72
CA ALA A 422 1.76 -22.00 -16.35
C ALA A 422 0.30 -21.98 -15.84
N HIS A 423 -0.07 -20.95 -15.07
CA HIS A 423 -1.46 -20.81 -14.62
C HIS A 423 -2.43 -20.44 -15.73
N VAL A 424 -2.07 -19.44 -16.53
CA VAL A 424 -2.94 -18.94 -17.58
C VAL A 424 -3.29 -20.02 -18.60
N SER A 425 -2.38 -20.95 -18.82
CA SER A 425 -2.56 -22.02 -19.79
C SER A 425 -3.10 -23.32 -19.17
N SER A 426 -3.42 -23.29 -17.87
CA SER A 426 -3.92 -24.46 -17.16
C SER A 426 -5.33 -24.26 -16.61
N SER A 427 -6.07 -25.36 -16.52
CA SER A 427 -7.47 -25.32 -16.06
C SER A 427 -7.64 -25.57 -14.60
N ASN A 428 -6.60 -26.09 -13.94
CA ASN A 428 -6.65 -26.41 -12.52
C ASN A 428 -5.23 -26.59 -11.97
N TRP A 429 -5.13 -26.81 -10.67
CA TRP A 429 -3.83 -27.01 -10.03
C TRP A 429 -3.06 -28.21 -10.59
N ALA A 430 -3.76 -29.28 -10.97
CA ALA A 430 -3.04 -30.48 -11.43
C ALA A 430 -2.33 -30.15 -12.71
N GLU A 431 -3.00 -29.39 -13.57
CA GLU A 431 -2.41 -28.98 -14.83
C GLU A 431 -1.24 -28.01 -14.60
N PHE A 432 -1.37 -27.09 -13.65
CA PHE A 432 -0.24 -26.20 -13.29
C PHE A 432 0.97 -27.04 -12.85
N GLU A 433 0.73 -28.06 -12.04
CA GLU A 433 1.83 -28.91 -11.55
C GLU A 433 2.50 -29.62 -12.71
N HIS A 434 1.72 -30.17 -13.63
CA HIS A 434 2.27 -30.84 -14.80
C HIS A 434 3.07 -29.85 -15.63
N ALA A 435 2.57 -28.62 -15.76
CA ALA A 435 3.27 -27.58 -16.51
C ALA A 435 4.51 -27.07 -15.77
N SER A 436 4.72 -27.47 -14.53
CA SER A 436 5.80 -26.90 -13.72
C SER A 436 6.79 -27.95 -13.23
N SER A 437 6.71 -29.16 -13.77
CA SER A 437 7.53 -30.27 -13.27
C SER A 437 9.02 -30.11 -13.58
N THR A 438 9.38 -29.21 -14.50
CA THR A 438 10.77 -28.90 -14.79
C THR A 438 11.04 -27.39 -14.65
N TRP A 439 10.37 -26.78 -13.67
CA TRP A 439 10.38 -25.32 -13.51
C TRP A 439 11.80 -24.76 -13.33
N HIS A 440 12.61 -25.39 -12.48
CA HIS A 440 13.91 -24.81 -12.22
C HIS A 440 14.91 -25.06 -13.37
N THR A 441 14.77 -26.20 -14.05
CA THR A 441 15.55 -26.50 -15.24
C THR A 441 15.30 -25.44 -16.31
N GLU A 442 14.04 -25.09 -16.49
CA GLU A 442 13.67 -24.09 -17.48
C GLU A 442 14.34 -22.76 -17.14
N LEU A 443 14.34 -22.40 -15.87
CA LEU A 443 14.83 -21.08 -15.47
C LEU A 443 16.36 -21.00 -15.54
N THR A 444 17.05 -22.14 -15.41
CA THR A 444 18.52 -22.12 -15.35
C THR A 444 19.25 -22.53 -16.66
N LYS A 445 18.49 -22.71 -17.76
CA LYS A 445 19.10 -22.97 -19.08
C LYS A 445 20.21 -21.98 -19.48
N THR A 446 21.08 -22.45 -20.37
CA THR A 446 22.15 -21.67 -20.99
C THR A 446 23.17 -21.20 -19.97
N ILE B 3 -22.76 23.62 20.28
CA ILE B 3 -23.53 22.47 19.74
C ILE B 3 -23.61 21.37 20.78
N ASN B 4 -24.81 20.81 20.94
CA ASN B 4 -25.02 19.63 21.77
C ASN B 4 -24.91 18.35 20.93
N ILE B 5 -23.80 17.63 21.06
CA ILE B 5 -23.55 16.46 20.23
C ILE B 5 -24.34 15.23 20.66
N GLN B 6 -25.01 15.31 21.81
CA GLN B 6 -25.97 14.28 22.17
C GLN B 6 -27.25 14.43 21.34
N GLU B 7 -27.60 15.66 21.00
CA GLU B 7 -28.77 15.93 20.16
C GLU B 7 -28.40 15.90 18.67
N ASP B 8 -27.31 16.58 18.31
CA ASP B 8 -26.81 16.59 16.93
C ASP B 8 -25.92 15.35 16.78
N LYS B 9 -26.59 14.23 16.51
CA LYS B 9 -26.00 12.90 16.65
C LYS B 9 -24.85 12.64 15.68
N LEU B 10 -24.80 13.36 14.56
CA LEU B 10 -23.79 13.10 13.53
C LEU B 10 -22.52 13.93 13.75
N VAL B 11 -22.50 14.79 14.76
CA VAL B 11 -21.40 15.73 14.97
C VAL B 11 -20.37 15.17 15.93
N SER B 12 -19.09 15.23 15.53
CA SER B 12 -18.00 14.80 16.39
C SER B 12 -17.66 15.86 17.43
N ALA B 13 -17.15 15.41 18.57
CA ALA B 13 -16.70 16.36 19.59
C ALA B 13 -15.67 17.34 19.04
N HIS B 14 -14.73 16.84 18.23
CA HIS B 14 -13.73 17.71 17.63
C HIS B 14 -14.37 18.81 16.77
N ASP B 15 -15.29 18.42 15.91
CA ASP B 15 -15.97 19.38 15.05
C ASP B 15 -16.75 20.42 15.87
N ALA B 16 -17.41 19.98 16.94
CA ALA B 16 -18.18 20.91 17.80
C ALA B 16 -17.25 21.95 18.45
N GLU B 17 -16.08 21.51 18.89
CA GLU B 17 -15.10 22.43 19.49
C GLU B 17 -14.67 23.52 18.50
N GLU B 18 -14.50 23.15 17.23
CA GLU B 18 -14.02 24.13 16.23
C GLU B 18 -15.09 25.14 15.85
N ILE B 19 -16.35 24.71 15.79
CA ILE B 19 -17.47 25.64 15.61
C ILE B 19 -17.43 26.74 16.67
N LEU B 20 -17.28 26.33 17.92
CA LEU B 20 -17.36 27.25 19.04
C LEU B 20 -16.29 28.33 18.96
N ARG B 21 -15.13 27.94 18.45
CA ARG B 21 -14.00 28.84 18.29
C ARG B 21 -14.32 30.03 17.37
N PHE B 22 -15.06 29.77 16.29
CA PHE B 22 -15.28 30.80 15.27
C PHE B 22 -16.58 31.55 15.43
N PHE B 23 -17.58 30.88 15.98
CA PHE B 23 -18.87 31.52 16.17
C PHE B 23 -18.76 32.60 17.24
N ASN B 24 -17.86 32.38 18.21
CA ASN B 24 -17.51 33.39 19.21
C ASN B 24 -16.79 34.59 18.60
N CYS B 25 -15.65 34.35 17.98
CA CYS B 25 -14.88 35.46 17.44
C CYS B 25 -15.67 36.14 16.34
N HIS B 26 -15.82 37.46 16.43
CA HIS B 26 -15.74 38.17 15.18
C HIS B 26 -14.95 39.45 15.18
N ASP B 27 -13.98 39.41 14.29
CA ASP B 27 -12.96 40.39 14.12
C ASP B 27 -12.81 40.38 12.61
N SER B 28 -13.50 41.31 11.95
CA SER B 28 -13.52 41.35 10.49
C SER B 28 -12.14 41.62 9.87
N ALA B 29 -11.31 42.38 10.56
CA ALA B 29 -9.97 42.67 10.09
C ALA B 29 -9.12 41.41 10.10
N LEU B 30 -9.32 40.57 11.11
CA LEU B 30 -8.61 39.31 11.19
C LEU B 30 -9.00 38.40 10.02
N GLN B 31 -10.27 38.41 9.64
CA GLN B 31 -10.75 37.56 8.54
C GLN B 31 -10.02 37.98 7.26
N GLN B 32 -9.89 39.28 7.08
CA GLN B 32 -9.17 39.85 5.92
C GLN B 32 -7.66 39.52 5.92
N GLU B 33 -6.99 39.66 7.07
CA GLU B 33 -5.59 39.28 7.21
C GLU B 33 -5.42 37.81 6.84
N ALA B 34 -6.32 36.96 7.35
CA ALA B 34 -6.22 35.53 7.11
C ALA B 34 -6.42 35.23 5.61
N THR B 35 -7.34 35.95 4.98
CA THR B 35 -7.62 35.72 3.56
C THR B 35 -6.37 36.05 2.73
N THR B 36 -5.76 37.18 3.04
CA THR B 36 -4.50 37.56 2.40
C THR B 36 -3.40 36.53 2.55
N LEU B 37 -3.18 36.11 3.79
CA LEU B 37 -2.17 35.12 4.12
C LEU B 37 -2.36 33.89 3.25
N LEU B 38 -3.59 33.39 3.19
CA LEU B 38 -3.87 32.15 2.49
C LEU B 38 -3.82 32.32 0.98
N THR B 39 -4.25 33.46 0.49
CA THR B 39 -4.19 33.72 -0.95
C THR B 39 -2.74 33.81 -1.41
N GLN B 40 -1.91 34.50 -0.65
CA GLN B 40 -0.48 34.59 -0.96
C GLN B 40 0.24 33.23 -0.90
N GLU B 41 -0.06 32.45 0.13
CA GLU B 41 0.46 31.08 0.25
C GLU B 41 0.09 30.27 -0.99
N ALA B 42 -1.19 30.31 -1.36
CA ALA B 42 -1.65 29.54 -2.50
C ALA B 42 -0.99 30.00 -3.78
N HIS B 43 -0.71 31.29 -3.92
CA HIS B 43 -0.10 31.82 -5.11
C HIS B 43 1.32 31.25 -5.26
N LEU B 44 2.08 31.30 -4.16
CA LEU B 44 3.43 30.72 -4.12
C LEU B 44 3.46 29.24 -4.50
N LEU B 45 2.53 28.49 -3.93
CA LEU B 45 2.42 27.07 -4.25
C LEU B 45 2.03 26.87 -5.71
N ASP B 46 1.09 27.66 -6.22
CA ASP B 46 0.59 27.46 -7.59
C ASP B 46 1.66 27.68 -8.62
N ILE B 47 2.60 28.59 -8.36
CA ILE B 47 3.71 28.85 -9.30
C ILE B 47 4.92 27.96 -8.99
N GLN B 48 4.75 27.06 -8.02
CA GLN B 48 5.77 26.07 -7.64
C GLN B 48 7.02 26.71 -7.05
N ALA B 49 6.82 27.83 -6.35
CA ALA B 49 7.88 28.50 -5.58
C ALA B 49 7.97 27.85 -4.19
N TYR B 50 8.33 26.58 -4.20
CA TYR B 50 8.32 25.81 -2.98
C TYR B 50 9.36 26.31 -1.95
N ARG B 51 10.51 26.79 -2.40
CA ARG B 51 11.47 27.36 -1.44
C ARG B 51 10.95 28.61 -0.79
N ALA B 52 10.37 29.49 -1.61
CA ALA B 52 9.71 30.73 -1.15
C ALA B 52 8.59 30.42 -0.17
N TRP B 53 7.82 29.38 -0.47
CA TRP B 53 6.78 28.96 0.44
C TRP B 53 7.35 28.57 1.80
N LEU B 54 8.36 27.71 1.81
CA LEU B 54 9.05 27.36 3.07
C LEU B 54 9.56 28.59 3.84
N GLU B 55 10.20 29.51 3.12
CA GLU B 55 10.83 30.68 3.75
C GLU B 55 9.80 31.68 4.27
N HIS B 56 8.73 31.89 3.52
CA HIS B 56 7.80 32.96 3.83
C HIS B 56 6.56 32.48 4.57
N CYS B 57 6.19 31.21 4.40
CA CYS B 57 4.91 30.74 4.92
C CYS B 57 4.95 29.66 6.00
N VAL B 58 6.06 28.96 6.17
CA VAL B 58 6.10 27.78 7.02
C VAL B 58 7.03 28.00 8.23
N GLY B 59 6.48 27.84 9.42
CA GLY B 59 7.25 28.04 10.64
C GLY B 59 8.19 26.88 10.95
N SER B 60 9.31 27.18 11.62
CA SER B 60 10.28 26.15 11.89
C SER B 60 9.68 25.01 12.71
N GLU B 61 8.70 25.30 13.56
CA GLU B 61 8.06 24.28 14.42
C GLU B 61 6.80 23.62 13.82
N VAL B 62 6.63 23.73 12.51
CA VAL B 62 5.43 23.22 11.87
C VAL B 62 5.18 21.71 12.09
N GLN B 63 3.91 21.36 12.21
CA GLN B 63 3.40 20.02 11.94
C GLN B 63 2.41 20.13 10.78
N TYR B 64 2.70 19.45 9.67
CA TYR B 64 1.89 19.49 8.46
C TYR B 64 1.30 18.11 8.25
N GLN B 65 0.01 17.97 8.55
CA GLN B 65 -0.59 16.65 8.74
C GLN B 65 -1.86 16.50 7.90
N VAL B 66 -1.89 15.41 7.13
CA VAL B 66 -3.08 15.02 6.39
C VAL B 66 -3.35 13.57 6.72
N ILE B 67 -4.54 13.29 7.25
CA ILE B 67 -4.88 11.91 7.64
C ILE B 67 -5.92 11.29 6.71
N SER B 68 -5.97 9.97 6.73
CA SER B 68 -7.03 9.20 6.09
C SER B 68 -7.59 8.25 7.13
N ARG B 69 -8.87 8.43 7.39
CA ARG B 69 -9.57 7.72 8.46
C ARG B 69 -10.24 6.46 7.91
N GLU B 70 -10.03 5.33 8.57
CA GLU B 70 -10.70 4.09 8.20
C GLU B 70 -12.21 4.21 8.34
N LEU B 71 -12.93 3.58 7.42
CA LEU B 71 -14.39 3.59 7.43
C LEU B 71 -14.84 2.59 8.48
N ARG B 72 -15.55 3.12 9.48
CA ARG B 72 -16.05 2.32 10.60
C ARG B 72 -17.54 2.56 10.76
N ALA B 73 -18.22 1.63 11.42
CA ALA B 73 -19.65 1.75 11.63
C ALA B 73 -19.96 2.96 12.49
N ALA B 74 -21.01 3.68 12.14
CA ALA B 74 -21.38 4.84 12.95
C ALA B 74 -21.67 4.42 14.41
N SER B 75 -22.18 3.20 14.59
CA SER B 75 -22.50 2.69 15.92
C SER B 75 -21.35 1.93 16.56
N GLU B 76 -20.19 1.87 15.90
CA GLU B 76 -19.05 1.11 16.44
C GLU B 76 -18.59 1.65 17.79
N ARG B 77 -18.38 0.74 18.74
CA ARG B 77 -17.92 1.12 20.07
C ARG B 77 -16.88 0.17 20.70
N ARG B 78 -16.64 -0.99 20.09
CA ARG B 78 -15.68 -1.96 20.65
C ARG B 78 -14.33 -1.94 19.96
N TYR B 79 -14.32 -1.87 18.64
CA TYR B 79 -13.06 -1.96 17.88
C TYR B 79 -12.27 -0.68 18.06
N LYS B 80 -11.07 -0.80 18.62
CA LYS B 80 -10.29 0.34 19.12
C LYS B 80 -8.90 0.57 18.48
N LEU B 81 -8.58 -0.12 17.40
CA LEU B 81 -7.26 0.01 16.79
C LEU B 81 -7.13 1.30 16.00
N ASN B 82 -5.89 1.66 15.67
CA ASN B 82 -5.57 2.89 14.95
C ASN B 82 -6.67 3.28 13.97
N GLU B 83 -7.27 4.44 14.19
CA GLU B 83 -8.39 4.90 13.40
C GLU B 83 -7.97 5.52 12.10
N ALA B 84 -6.74 6.03 12.04
CA ALA B 84 -6.28 6.76 10.86
C ALA B 84 -4.82 6.50 10.58
N MET B 85 -4.42 6.75 9.34
CA MET B 85 -3.01 6.80 8.93
C MET B 85 -2.69 8.21 8.44
N ASN B 86 -1.38 8.52 8.45
CA ASN B 86 -0.87 9.83 8.06
C ASN B 86 -0.37 9.81 6.63
N VAL B 87 -1.13 10.44 5.73
CA VAL B 87 -0.68 10.67 4.38
C VAL B 87 0.50 11.64 4.41
N TYR B 88 0.37 12.69 5.22
CA TYR B 88 1.48 13.57 5.59
C TYR B 88 1.48 13.68 7.11
N ASN B 89 2.67 13.77 7.69
CA ASN B 89 2.82 14.17 9.09
C ASN B 89 4.24 14.69 9.25
N GLU B 90 4.46 15.90 8.75
CA GLU B 90 5.77 16.42 8.45
C GLU B 90 6.19 17.54 9.38
N ASN B 91 7.43 17.46 9.83
CA ASN B 91 8.11 18.61 10.39
C ASN B 91 8.80 19.41 9.29
N PHE B 92 9.43 20.53 9.66
CA PHE B 92 10.03 21.41 8.69
C PHE B 92 11.08 20.69 7.84
N GLN B 93 11.94 19.89 8.47
CA GLN B 93 12.94 19.17 7.73
C GLN B 93 12.36 18.19 6.73
N GLN B 94 11.27 17.53 7.11
CA GLN B 94 10.60 16.60 6.22
C GLN B 94 9.90 17.32 5.06
N LEU B 95 9.30 18.49 5.32
CA LEU B 95 8.83 19.34 4.23
C LEU B 95 9.98 19.75 3.31
N LYS B 96 11.12 20.11 3.89
CA LYS B 96 12.26 20.48 3.05
C LYS B 96 12.73 19.34 2.13
N VAL B 97 12.78 18.12 2.63
CA VAL B 97 13.07 16.95 1.80
C VAL B 97 12.11 16.87 0.61
N ARG B 98 10.82 17.05 0.88
CA ARG B 98 9.80 17.03 -0.18
C ARG B 98 10.01 18.14 -1.20
N VAL B 99 10.40 19.32 -0.72
CA VAL B 99 10.66 20.44 -1.61
C VAL B 99 11.89 20.17 -2.48
N GLU B 100 12.94 19.63 -1.88
CA GLU B 100 14.13 19.27 -2.65
C GLU B 100 13.82 18.19 -3.71
N HIS B 101 12.98 17.23 -3.37
CA HIS B 101 12.55 16.21 -4.33
C HIS B 101 11.81 16.86 -5.49
N GLN B 102 10.95 17.84 -5.21
CA GLN B 102 10.27 18.57 -6.28
C GLN B 102 11.23 19.31 -7.21
N LEU B 103 12.27 19.88 -6.64
CA LEU B 103 13.16 20.75 -7.40
C LEU B 103 14.32 20.01 -8.07
N ASP B 104 14.50 18.74 -7.76
CA ASP B 104 15.64 17.98 -8.27
C ASP B 104 15.51 17.84 -9.79
N PRO B 105 16.58 18.15 -10.55
CA PRO B 105 16.45 18.06 -12.00
C PRO B 105 16.34 16.63 -12.54
N GLN B 106 16.48 15.61 -11.68
CA GLN B 106 16.20 14.24 -12.07
C GLN B 106 14.86 13.73 -11.56
N ASN B 107 13.99 14.66 -11.15
CA ASN B 107 12.60 14.32 -10.91
C ASN B 107 11.91 14.28 -12.25
N TRP B 108 11.91 13.10 -12.88
CA TRP B 108 11.48 12.96 -14.24
C TRP B 108 10.00 13.29 -14.40
N GLY B 109 9.23 13.08 -13.35
CA GLY B 109 7.79 13.27 -13.42
C GLY B 109 7.42 14.72 -13.46
N ASN B 110 8.39 15.59 -13.18
CA ASN B 110 8.17 17.05 -13.30
C ASN B 110 8.51 17.66 -14.66
N SER B 111 8.71 16.82 -15.67
CA SER B 111 8.97 17.31 -17.02
C SER B 111 8.09 16.52 -17.95
N PRO B 112 7.21 17.21 -18.71
CA PRO B 112 7.02 18.67 -18.77
C PRO B 112 6.45 19.20 -17.45
N LYS B 113 6.61 20.50 -17.24
CA LYS B 113 6.24 21.13 -15.98
C LYS B 113 4.75 20.95 -15.69
N LEU B 114 4.43 20.64 -14.43
CA LEU B 114 3.04 20.49 -13.98
C LEU B 114 2.34 21.86 -13.96
N ARG B 115 1.00 21.87 -13.91
CA ARG B 115 0.25 23.09 -13.74
C ARG B 115 -0.69 22.94 -12.54
N PHE B 116 -0.61 23.86 -11.59
CA PHE B 116 -1.44 23.88 -10.39
C PHE B 116 -2.30 25.13 -10.37
N THR B 117 -3.54 24.97 -9.94
CA THR B 117 -4.44 26.09 -9.69
C THR B 117 -5.18 25.79 -8.39
N ARG B 118 -5.11 26.69 -7.43
CA ARG B 118 -5.74 26.51 -6.13
C ARG B 118 -6.85 27.53 -5.86
N PHE B 119 -7.93 27.07 -5.24
CA PHE B 119 -9.11 27.88 -5.00
C PHE B 119 -9.35 27.78 -3.49
N ILE B 120 -9.17 28.90 -2.80
CA ILE B 120 -9.28 28.91 -1.35
C ILE B 120 -10.56 29.67 -0.99
N THR B 121 -11.42 29.06 -0.17
CA THR B 121 -12.71 29.64 0.17
C THR B 121 -13.02 29.44 1.66
N ASN B 122 -14.11 30.06 2.12
CA ASN B 122 -14.69 29.80 3.43
C ASN B 122 -13.68 30.07 4.56
N VAL B 123 -12.92 31.15 4.41
CA VAL B 123 -11.91 31.51 5.41
C VAL B 123 -12.58 31.97 6.71
N GLN B 124 -12.14 31.41 7.83
CA GLN B 124 -12.51 31.89 9.15
C GLN B 124 -11.25 32.01 9.98
N ALA B 125 -11.23 33.00 10.86
CA ALA B 125 -10.05 33.27 11.67
C ALA B 125 -10.46 33.62 13.11
N ALA B 126 -9.72 33.13 14.09
CA ALA B 126 -9.93 33.48 15.51
C ALA B 126 -8.59 33.39 16.25
N MET B 127 -8.32 34.39 17.10
CA MET B 127 -7.13 34.29 17.95
C MET B 127 -7.36 33.24 19.02
N ASP B 128 -6.31 32.53 19.38
CA ASP B 128 -6.35 31.60 20.49
C ASP B 128 -6.62 32.38 21.79
N VAL B 129 -7.41 31.75 22.67
CA VAL B 129 -7.81 32.33 23.96
C VAL B 129 -6.62 32.46 24.90
N ASN B 130 -5.76 31.45 24.89
CA ASN B 130 -4.68 31.34 25.87
C ASN B 130 -3.38 31.88 25.30
N ASP B 131 -3.04 31.48 24.08
CA ASP B 131 -1.84 32.02 23.42
C ASP B 131 -2.26 33.16 22.50
N LYS B 132 -2.15 34.38 23.02
CA LYS B 132 -2.61 35.58 22.29
C LYS B 132 -1.90 35.86 20.97
N GLU B 133 -0.81 35.15 20.71
CA GLU B 133 -0.10 35.28 19.45
C GLU B 133 -0.34 34.11 18.48
N LEU B 134 -1.26 33.22 18.83
CA LEU B 134 -1.57 32.10 17.96
C LEU B 134 -2.89 32.38 17.25
N LEU B 135 -2.87 32.29 15.92
CA LEU B 135 -4.06 32.54 15.13
C LEU B 135 -4.58 31.23 14.55
N HIS B 136 -5.83 30.89 14.88
CA HIS B 136 -6.53 29.77 14.24
C HIS B 136 -7.17 30.24 12.94
N ILE B 137 -6.89 29.54 11.84
CA ILE B 137 -7.51 29.83 10.55
C ILE B 137 -8.06 28.53 9.98
N ARG B 138 -9.31 28.58 9.54
CA ARG B 138 -9.93 27.46 8.83
C ARG B 138 -10.21 27.92 7.43
N SER B 139 -10.00 27.03 6.45
CA SER B 139 -10.33 27.35 5.07
C SER B 139 -10.50 26.06 4.30
N ASN B 140 -11.20 26.14 3.18
CA ASN B 140 -11.36 24.99 2.29
C ASN B 140 -10.58 25.24 1.01
N VAL B 141 -10.07 24.17 0.42
CA VAL B 141 -9.31 24.25 -0.83
C VAL B 141 -9.84 23.29 -1.89
N ILE B 142 -9.94 23.79 -3.12
CA ILE B 142 -9.98 22.95 -4.31
C ILE B 142 -8.64 23.12 -4.97
N LEU B 143 -7.98 22.01 -5.27
CA LEU B 143 -6.66 22.04 -5.89
C LEU B 143 -6.72 21.22 -7.18
N HIS B 144 -6.42 21.89 -8.28
CA HIS B 144 -6.43 21.32 -9.62
C HIS B 144 -5.00 21.15 -10.08
N ARG B 145 -4.67 19.91 -10.45
CA ARG B 145 -3.35 19.58 -10.97
C ARG B 145 -3.50 19.01 -12.38
N ALA B 146 -2.80 19.57 -13.35
CA ALA B 146 -2.85 19.11 -14.72
C ALA B 146 -1.46 18.79 -15.22
N ARG B 147 -1.31 17.68 -15.91
CA ARG B 147 -0.01 17.31 -16.47
C ARG B 147 -0.16 16.36 -17.66
N ARG B 148 0.85 16.43 -18.52
CA ARG B 148 1.02 15.44 -19.56
C ARG B 148 -0.17 15.29 -20.49
N GLY B 149 -0.74 16.44 -20.83
CA GLY B 149 -1.69 16.54 -21.90
C GLY B 149 -3.10 16.34 -21.42
N ASN B 150 -3.34 15.18 -20.82
CA ASN B 150 -4.71 14.78 -20.49
C ASN B 150 -4.93 14.22 -19.07
N GLN B 151 -3.96 14.42 -18.19
CA GLN B 151 -4.13 14.04 -16.79
C GLN B 151 -4.61 15.24 -16.01
N VAL B 152 -5.73 15.08 -15.32
CA VAL B 152 -6.29 16.12 -14.49
C VAL B 152 -6.78 15.49 -13.17
N ASP B 153 -6.32 16.03 -12.06
CA ASP B 153 -6.71 15.56 -10.74
C ASP B 153 -7.18 16.74 -9.94
N VAL B 154 -8.32 16.59 -9.30
CA VAL B 154 -8.91 17.64 -8.46
C VAL B 154 -9.09 17.13 -7.04
N PHE B 155 -8.52 17.89 -6.13
CA PHE B 155 -8.52 17.58 -4.71
C PHE B 155 -9.42 18.56 -3.94
N TYR B 156 -10.09 18.10 -2.91
CA TYR B 156 -11.04 18.90 -2.14
C TYR B 156 -10.81 18.63 -0.66
N ALA B 157 -10.62 19.68 0.15
CA ALA B 157 -10.35 19.49 1.57
C ALA B 157 -10.67 20.72 2.41
N ALA B 158 -10.91 20.49 3.69
CA ALA B 158 -10.98 21.55 4.69
C ALA B 158 -9.67 21.52 5.48
N ARG B 159 -9.13 22.70 5.79
CA ARG B 159 -7.85 22.82 6.50
C ARG B 159 -8.03 23.52 7.81
N GLU B 160 -7.57 22.89 8.88
CA GLU B 160 -7.51 23.54 10.19
C GLU B 160 -6.08 23.92 10.47
N ASP B 161 -5.81 25.22 10.46
CA ASP B 161 -4.48 25.77 10.58
C ASP B 161 -4.29 26.50 11.90
N LYS B 162 -3.04 26.51 12.36
CA LYS B 162 -2.55 27.46 13.36
C LYS B 162 -1.38 28.24 12.73
N TRP B 163 -1.44 29.56 12.84
CA TRP B 163 -0.39 30.43 12.35
C TRP B 163 0.12 31.32 13.49
N LYS B 164 1.41 31.57 13.50
CA LYS B 164 2.02 32.38 14.56
C LYS B 164 3.02 33.37 13.97
N ARG B 165 3.11 34.59 14.52
CA ARG B 165 4.15 35.52 14.03
C ARG B 165 5.55 35.00 14.34
N GLY B 166 6.41 35.00 13.32
CA GLY B 166 7.78 34.46 13.41
C GLY B 166 8.83 35.52 13.07
N GLU B 167 9.89 35.10 12.38
CA GLU B 167 10.99 36.00 12.00
C GLU B 167 10.44 37.19 11.22
N GLY B 168 10.85 38.40 11.63
CA GLY B 168 10.43 39.64 10.98
C GLY B 168 8.99 40.05 11.26
N GLY B 169 8.36 39.36 12.22
CA GLY B 169 6.94 39.56 12.50
C GLY B 169 6.00 38.97 11.45
N VAL B 170 6.52 38.12 10.56
CA VAL B 170 5.72 37.51 9.48
C VAL B 170 4.95 36.32 10.07
N ARG B 171 3.64 36.25 9.84
CA ARG B 171 2.82 35.12 10.32
C ARG B 171 3.17 33.89 9.49
N LYS B 172 3.46 32.80 10.18
CA LYS B 172 3.80 31.55 9.51
C LYS B 172 3.01 30.38 10.06
N LEU B 173 2.86 29.37 9.21
CA LEU B 173 2.09 28.19 9.53
C LEU B 173 2.82 27.34 10.54
N VAL B 174 2.18 27.06 11.68
CA VAL B 174 2.76 26.18 12.71
C VAL B 174 2.03 24.85 12.82
N GLN B 175 0.82 24.77 12.29
CA GLN B 175 0.14 23.49 12.20
C GLN B 175 -0.88 23.56 11.11
N ARG B 176 -0.94 22.51 10.29
CA ARG B 176 -2.04 22.29 9.38
C ARG B 176 -2.52 20.88 9.59
N PHE B 177 -3.82 20.74 9.74
CA PHE B 177 -4.48 19.46 9.88
C PHE B 177 -5.57 19.35 8.83
N VAL B 178 -5.50 18.28 8.05
CA VAL B 178 -6.54 17.93 7.08
C VAL B 178 -6.95 16.49 7.32
N ASP B 179 -8.26 16.26 7.44
CA ASP B 179 -8.86 14.91 7.46
C ASP B 179 -9.42 14.69 6.05
N TYR B 180 -8.68 13.96 5.20
CA TYR B 180 -8.97 13.96 3.77
C TYR B 180 -10.32 13.29 3.53
N PRO B 181 -11.21 13.94 2.79
CA PRO B 181 -12.56 13.37 2.75
C PRO B 181 -12.79 12.09 1.94
N GLU B 182 -11.91 11.78 1.00
CA GLU B 182 -12.08 10.60 0.16
C GLU B 182 -11.18 9.50 0.70
N ARG B 183 -11.77 8.37 1.03
CA ARG B 183 -11.00 7.29 1.60
C ARG B 183 -10.07 6.63 0.59
N ILE B 184 -10.58 6.32 -0.59
CA ILE B 184 -9.77 5.73 -1.67
C ILE B 184 -9.49 6.84 -2.69
N LEU B 185 -8.23 7.24 -2.81
CA LEU B 185 -7.90 8.33 -3.74
C LEU B 185 -8.03 7.89 -5.19
N GLN B 186 -8.62 8.75 -6.01
CA GLN B 186 -8.82 8.50 -7.45
C GLN B 186 -8.07 9.57 -8.25
N THR B 187 -6.93 10.02 -7.71
CA THR B 187 -6.11 11.08 -8.26
C THR B 187 -4.65 10.64 -8.48
N HIS B 188 -4.42 9.33 -8.58
CA HIS B 188 -3.11 8.71 -8.76
C HIS B 188 -2.22 8.72 -7.47
N ASN B 189 -2.18 9.85 -6.82
CA ASN B 189 -1.45 10.01 -5.56
C ASN B 189 -1.97 11.28 -4.89
N LEU B 190 -1.50 11.58 -3.68
CA LEU B 190 -1.84 12.83 -2.99
C LEU B 190 -0.59 13.69 -2.86
N MET B 191 0.26 13.66 -3.88
CA MET B 191 1.54 14.36 -3.90
C MET B 191 1.41 15.83 -4.21
N VAL B 192 0.56 16.50 -3.46
CA VAL B 192 0.31 17.93 -3.57
C VAL B 192 0.25 18.50 -2.16
N PHE B 193 0.67 19.75 -2.03
CA PHE B 193 0.56 20.45 -0.76
C PHE B 193 -0.82 21.11 -0.68
N LEU B 194 -1.68 20.50 0.12
CA LEU B 194 -2.96 21.05 0.43
C LEU B 194 -2.75 22.18 1.41
FE FE C . 10.57 1.94 -7.61
S SO4 D . -33.04 -24.41 9.26
O1 SO4 D . -33.79 -23.27 8.73
O2 SO4 D . -32.13 -24.95 8.25
O3 SO4 D . -32.32 -24.00 10.46
O4 SO4 D . -33.99 -25.48 9.62
S SO4 E . 10.24 -29.59 -7.78
O1 SO4 E . 9.11 -29.50 -8.70
O2 SO4 E . 11.51 -29.68 -8.54
O3 SO4 E . 10.23 -28.54 -6.73
O4 SO4 E . 10.13 -30.90 -7.11
FE1 FES F . -32.59 -9.24 1.05
FE2 FES F . -30.03 -9.06 1.94
S1 FES F . -31.89 -9.43 3.15
S2 FES F . -30.76 -8.70 -0.13
C1 EDO G . -11.29 -14.10 -7.79
O1 EDO G . -12.50 -14.69 -7.35
C2 EDO G . -11.51 -13.16 -8.96
O2 EDO G . -12.05 -11.87 -8.57
C1 EDO H . 7.63 -3.61 -25.68
O1 EDO H . 6.64 -2.95 -26.46
C2 EDO H . 9.01 -3.20 -26.16
O2 EDO H . 9.33 -3.75 -27.43
C1 EDO I . -16.04 -24.22 2.54
O1 EDO I . -16.01 -23.37 1.37
C2 EDO I . -15.09 -23.69 3.62
O2 EDO I . -13.90 -24.49 3.77
C1 EDO J . -9.24 -4.86 18.59
O1 EDO J . -9.76 -6.03 19.24
C2 EDO J . -9.12 -3.75 19.63
O2 EDO J . -10.42 -3.24 19.93
C1 EDO K . -37.99 -8.74 13.58
O1 EDO K . -36.78 -9.00 12.84
C2 EDO K . -39.07 -9.73 13.19
O2 EDO K . -38.66 -11.10 13.32
C1 EDO L . 0.93 -6.01 -35.74
O1 EDO L . 0.55 -6.57 -34.47
C2 EDO L . 1.69 -4.71 -35.55
O2 EDO L . 3.09 -4.85 -35.84
C1 EDO M . 20.21 -24.09 2.89
O1 EDO M . 19.07 -24.60 3.59
C2 EDO M . 20.05 -24.24 1.37
O2 EDO M . 18.83 -24.86 0.98
C1 EDO N . 1.66 6.03 13.30
O1 EDO N . 1.03 7.07 14.07
C2 EDO N . 0.88 4.72 13.45
O2 EDO N . -0.41 4.89 14.02
C1 EDO O . 12.27 1.13 -3.95
O1 EDO O . 12.07 1.08 -5.37
C2 EDO O . 11.08 1.78 -3.24
O2 EDO O . 9.88 1.58 -3.98
C1 EDO P . -9.82 -2.04 3.96
O1 EDO P . -8.50 -1.94 4.49
C2 EDO P . -10.65 -3.00 4.79
O2 EDO P . -9.97 -3.45 5.95
C1 EDO Q . 6.92 -21.14 -20.53
O1 EDO Q . 7.46 -20.24 -19.53
C2 EDO Q . 7.03 -20.56 -21.93
O2 EDO Q . 5.78 -20.48 -22.66
S SO4 R . -0.87 13.74 16.48
O1 SO4 R . -1.65 12.89 15.58
O2 SO4 R . 0.37 14.16 15.81
O3 SO4 R . -1.64 14.91 16.86
O4 SO4 R . -0.51 12.99 17.69
S SO4 S . 10.48 31.02 11.85
O1 SO4 S . 10.12 32.23 11.13
O2 SO4 S . 11.21 30.13 10.97
O3 SO4 S . 11.32 31.38 12.99
O4 SO4 S . 9.34 30.30 12.37
C1 EDO T . 9.68 12.28 13.95
O1 EDO T . 9.57 12.24 12.51
C2 EDO T . 9.98 13.71 14.45
O2 EDO T . 8.91 14.67 14.23
C1 EDO U . -10.49 18.70 9.76
O1 EDO U . -11.88 18.93 9.58
C2 EDO U . -9.77 19.25 8.54
O2 EDO U . -10.11 18.48 7.38
C1 EDO V . -4.29 9.19 13.84
O1 EDO V . -3.37 9.34 12.72
C2 EDO V . -4.07 7.93 14.71
O2 EDO V . -5.08 6.92 14.53
C1 EDO W . 4.16 18.01 -2.28
O1 EDO W . 3.71 16.66 -2.39
C2 EDO W . 4.76 18.46 -3.61
O2 EDO W . 3.73 18.61 -4.61
C1 EDO X . -20.27 10.78 16.29
O1 EDO X . -19.02 10.91 16.97
C2 EDO X . -20.24 11.42 14.92
O2 EDO X . -18.90 11.66 14.45
#